data_3TZI
#
_entry.id   3TZI
#
_cell.length_a   122.265
_cell.length_b   133.508
_cell.length_c   181.093
_cell.angle_alpha   90.00
_cell.angle_beta   90.00
_cell.angle_gamma   90.00
#
_symmetry.space_group_name_H-M   'I 2 2 2'
#
loop_
_entity.id
_entity.type
_entity.pdbx_description
1 polymer 'Prostaglandin G/H synthase 2'
2 branched 2-acetamido-2-deoxy-beta-D-glucopyranose-(1-4)-2-acetamido-2-deoxy-beta-D-glucopyranose
3 branched alpha-D-mannopyranose-(1-4)-2-acetamido-2-deoxy-beta-D-glucopyranose-(1-4)-2-acetamido-2-deoxy-beta-D-glucopyranose
4 non-polymer 'ARACHIDONIC ACID'
5 non-polymer 'PROTOPORPHYRIN IX CONTAINING CO'
6 non-polymer 2-acetamido-2-deoxy-beta-D-glucopyranose
7 non-polymer 'octyl beta-D-glucopyranoside'
8 non-polymer 1,2-ETHANEDIOL
9 non-polymer 'ACRYLIC ACID'
10 water water
#
_entity_poly.entity_id   1
_entity_poly.type   'polypeptide(L)'
_entity_poly.pdbx_seq_one_letter_code
;ANHHHHHHPCCSNPCQNRGECMSTGFDQYKCDCTRTGFYGENCTTPEFLTRIKLLLKPTPNTVHYILTHFKGVWNIVNNI
PFLRSLIMKYVLTSRSYLIDSPPTYNVHYGYKSWEAFSNLSYYTRALPPVADDCPTPMGVKGNKELPDSKEVLEKVLLRR
EFIPDPQGSNMMFAFFAQHFTHQFFKTDHKRGPGFTRGLGHGVDLNHIYGETLDRQHKLRLFKDGKLKYQVIGGEVYPPT
VKDTQVEMIYPPHIPENLQFAVGQEVFGLVPGLMMYATIWLREHNRVCDILKQEHPEWGDEQLFQTSRLILIGETIKIVI
EDYVQHLSGYHFKLKFDPELLFNQQFQYQNRIASEFNTLYHWHPLLPDTFNIEDQEYSFKQFLYNNSILLEHGLTQFVES
FTRQIAGRVAGGRNVPIAVQAVAKASIDQSREMKYQSLNEYRKRFSLKPYTSFEELTGEKEMAAELKALYSDIDVMELYP
ALLVEKPRPDAIFGETMVELGAPFSLKVLMGNPICSPQYWKPSTFGGEVGFKIINTASIQSLICNNVKGCPFTSFNVQDP
QPTKTATIAASASHSRLDDINPTVLIKRRSTEL
;
_entity_poly.pdbx_strand_id   A,B
#
loop_
_chem_comp.id
_chem_comp.type
_chem_comp.name
_chem_comp.formula
ACD non-polymer 'ARACHIDONIC ACID' 'C20 H32 O2'
AKR non-polymer 'ACRYLIC ACID' 'C3 H4 O2'
BOG D-saccharide 'octyl beta-D-glucopyranoside' 'C14 H28 O6'
COH non-polymer 'PROTOPORPHYRIN IX CONTAINING CO' 'C34 H32 Co N4 O4'
EDO non-polymer 1,2-ETHANEDIOL 'C2 H6 O2'
MAN D-saccharide, alpha linking alpha-D-mannopyranose 'C6 H12 O6'
NAG D-saccharide, beta linking 2-acetamido-2-deoxy-beta-D-glucopyranose 'C8 H15 N O6'
#
# COMPACT_ATOMS: atom_id res chain seq x y z
N HIS A 7 2.51 19.58 -31.34
CA HIS A 7 2.13 19.43 -29.91
C HIS A 7 1.34 18.13 -29.61
N HIS A 8 1.28 17.73 -28.34
CA HIS A 8 0.60 16.50 -27.94
C HIS A 8 -0.88 16.54 -28.34
N PRO A 9 -1.36 15.51 -29.09
CA PRO A 9 -2.74 15.53 -29.59
C PRO A 9 -3.82 15.38 -28.51
N CYS A 10 -3.43 15.03 -27.28
CA CYS A 10 -4.37 15.01 -26.17
C CYS A 10 -4.45 16.35 -25.43
N CYS A 11 -3.81 17.40 -25.95
CA CYS A 11 -3.78 18.72 -25.27
C CYS A 11 -5.18 19.32 -25.00
N SER A 12 -6.12 19.08 -25.91
CA SER A 12 -7.49 19.61 -25.75
C SER A 12 -8.35 18.86 -24.73
N ASN A 13 -7.81 17.78 -24.16
CA ASN A 13 -8.54 16.90 -23.23
C ASN A 13 -9.82 16.35 -23.90
N PRO A 14 -9.67 15.72 -25.07
CA PRO A 14 -10.85 15.36 -25.86
C PRO A 14 -11.71 14.24 -25.25
N CYS A 15 -11.12 13.38 -24.41
CA CYS A 15 -11.83 12.23 -23.87
C CYS A 15 -12.66 12.61 -22.66
N GLN A 16 -13.96 12.32 -22.71
CA GLN A 16 -14.90 12.71 -21.66
C GLN A 16 -15.22 11.51 -20.76
N ASN A 17 -15.92 11.78 -19.67
CA ASN A 17 -16.47 10.74 -18.81
C ASN A 17 -15.44 9.74 -18.29
N ARG A 18 -14.24 10.27 -18.03
CA ARG A 18 -13.10 9.53 -17.49
C ARG A 18 -12.51 8.48 -18.45
N GLY A 19 -12.84 8.59 -19.74
CA GLY A 19 -12.10 7.89 -20.79
C GLY A 19 -10.66 8.36 -20.77
N GLU A 20 -9.71 7.51 -21.13
CA GLU A 20 -8.29 7.88 -21.09
C GLU A 20 -7.74 8.17 -22.48
N CYS A 21 -7.04 9.30 -22.61
CA CYS A 21 -6.47 9.72 -23.89
C CYS A 21 -5.04 9.23 -24.07
N MET A 22 -4.75 8.79 -25.29
CA MET A 22 -3.44 8.26 -25.67
C MET A 22 -3.17 8.74 -27.09
N SER A 23 -1.97 9.24 -27.36
CA SER A 23 -1.59 9.58 -28.73
C SER A 23 -1.40 8.29 -29.56
N THR A 24 -1.72 8.36 -30.85
CA THR A 24 -1.61 7.20 -31.74
C THR A 24 -0.71 7.51 -32.92
N GLY A 25 -0.38 8.78 -33.07
CA GLY A 25 0.62 9.24 -34.02
C GLY A 25 1.00 10.63 -33.55
N PHE A 26 1.70 11.38 -34.39
CA PHE A 26 2.07 12.76 -34.07
C PHE A 26 0.87 13.73 -33.89
N ASP A 27 -0.25 13.46 -34.56
CA ASP A 27 -1.43 14.32 -34.39
C ASP A 27 -2.75 13.56 -34.43
N GLN A 28 -2.74 12.36 -33.85
CA GLN A 28 -3.95 11.56 -33.69
C GLN A 28 -4.02 11.06 -32.26
N TYR A 29 -5.22 10.87 -31.74
CA TYR A 29 -5.40 10.33 -30.40
C TYR A 29 -6.43 9.21 -30.42
N LYS A 30 -6.43 8.40 -29.38
CA LYS A 30 -7.51 7.45 -29.15
C LYS A 30 -8.00 7.56 -27.71
N CYS A 31 -9.31 7.46 -27.52
CA CYS A 31 -9.86 7.40 -26.17
C CYS A 31 -10.14 5.96 -25.75
N ASP A 32 -9.70 5.61 -24.56
CA ASP A 32 -9.97 4.31 -23.97
C ASP A 32 -11.18 4.45 -23.04
N CYS A 33 -12.33 3.96 -23.49
CA CYS A 33 -13.60 4.14 -22.80
C CYS A 33 -13.96 3.00 -21.85
N THR A 34 -13.01 2.09 -21.62
CA THR A 34 -13.20 0.93 -20.74
C THR A 34 -13.86 1.28 -19.40
N ARG A 35 -15.01 0.66 -19.14
CA ARG A 35 -15.75 0.80 -17.87
C ARG A 35 -16.20 2.22 -17.53
N THR A 36 -16.31 3.10 -18.52
CA THR A 36 -16.84 4.45 -18.29
C THR A 36 -18.36 4.50 -18.37
N GLY A 37 -18.95 3.53 -19.07
CA GLY A 37 -20.39 3.54 -19.32
C GLY A 37 -20.74 4.29 -20.60
N PHE A 38 -19.73 4.71 -21.35
CA PHE A 38 -19.89 5.43 -22.59
C PHE A 38 -18.98 4.81 -23.64
N TYR A 39 -19.25 5.10 -24.91
CA TYR A 39 -18.40 4.67 -26.03
C TYR A 39 -18.37 5.75 -27.13
N GLY A 40 -17.80 5.41 -28.29
CA GLY A 40 -17.59 6.37 -29.37
C GLY A 40 -16.25 7.07 -29.20
N GLU A 41 -15.85 7.87 -30.19
CA GLU A 41 -14.52 8.47 -30.27
C GLU A 41 -14.05 9.22 -29.01
N ASN A 42 -14.96 9.94 -28.35
CA ASN A 42 -14.61 10.75 -27.19
C ASN A 42 -15.24 10.25 -25.88
N CYS A 43 -15.76 9.02 -25.91
CA CYS A 43 -16.53 8.44 -24.80
C CYS A 43 -17.74 9.30 -24.41
N THR A 44 -18.51 9.75 -25.42
CA THR A 44 -19.67 10.62 -25.19
C THR A 44 -21.05 9.98 -25.47
N THR A 45 -21.07 8.84 -26.15
CA THR A 45 -22.34 8.12 -26.36
C THR A 45 -22.61 7.20 -25.18
N PRO A 46 -23.70 7.44 -24.45
CA PRO A 46 -23.99 6.63 -23.26
C PRO A 46 -24.57 5.28 -23.61
N GLU A 47 -24.18 4.25 -22.87
CA GLU A 47 -24.82 2.95 -22.98
C GLU A 47 -26.24 3.06 -22.43
N PHE A 48 -27.11 2.15 -22.83
CA PHE A 48 -28.52 2.23 -22.41
C PHE A 48 -28.67 2.35 -20.90
N LEU A 49 -27.99 1.47 -20.16
CA LEU A 49 -28.03 1.48 -18.70
C LEU A 49 -27.56 2.82 -18.13
N THR A 50 -26.61 3.46 -18.81
CA THR A 50 -26.06 4.74 -18.39
C THR A 50 -27.04 5.90 -18.57
N ARG A 51 -27.84 5.86 -19.64
CA ARG A 51 -28.95 6.82 -19.83
C ARG A 51 -29.91 6.78 -18.65
N ILE A 52 -30.28 5.57 -18.24
CA ILE A 52 -31.21 5.36 -17.12
C ILE A 52 -30.60 5.87 -15.80
N LYS A 53 -29.33 5.54 -15.57
CA LYS A 53 -28.59 6.00 -14.39
C LYS A 53 -28.58 7.53 -14.31
N LEU A 54 -28.27 8.18 -15.43
CA LEU A 54 -28.19 9.65 -15.49
C LEU A 54 -29.55 10.35 -15.30
N LEU A 55 -30.61 9.78 -15.87
CA LEU A 55 -31.96 10.35 -15.73
C LEU A 55 -32.40 10.46 -14.26
N LEU A 56 -31.99 9.49 -13.46
CA LEU A 56 -32.48 9.34 -12.09
C LEU A 56 -31.58 9.99 -11.03
N LYS A 57 -30.28 10.08 -11.33
CA LYS A 57 -29.28 10.63 -10.40
C LYS A 57 -29.56 12.10 -10.03
N PRO A 58 -29.79 12.37 -8.73
CA PRO A 58 -29.95 13.76 -8.30
C PRO A 58 -28.61 14.50 -8.27
N THR A 59 -28.63 15.81 -8.54
CA THR A 59 -27.42 16.65 -8.48
C THR A 59 -26.89 16.79 -7.04
N PRO A 60 -25.59 17.12 -6.89
CA PRO A 60 -25.04 17.42 -5.55
C PRO A 60 -25.82 18.49 -4.78
N ASN A 61 -26.24 19.56 -5.48
CA ASN A 61 -26.98 20.65 -4.84
C ASN A 61 -28.33 20.21 -4.28
N THR A 62 -29.02 19.34 -5.02
CA THR A 62 -30.26 18.71 -4.57
C THR A 62 -30.04 17.84 -3.30
N VAL A 63 -29.02 16.99 -3.35
CA VAL A 63 -28.67 16.13 -2.21
C VAL A 63 -28.32 16.98 -0.98
N HIS A 64 -27.52 18.02 -1.19
CA HIS A 64 -27.19 18.99 -0.14
C HIS A 64 -28.45 19.57 0.51
N TYR A 65 -29.38 20.06 -0.32
CA TYR A 65 -30.63 20.62 0.16
C TYR A 65 -31.38 19.65 1.07
N ILE A 66 -31.50 18.39 0.63
CA ILE A 66 -32.21 17.35 1.38
C ILE A 66 -31.55 17.10 2.75
N LEU A 67 -30.21 17.14 2.75
CA LEU A 67 -29.43 16.90 3.96
C LEU A 67 -29.41 18.10 4.92
N THR A 68 -29.78 19.28 4.42
CA THR A 68 -29.76 20.51 5.22
C THR A 68 -31.18 21.00 5.55
N HIS A 69 -32.16 20.20 5.17
CA HIS A 69 -33.56 20.49 5.49
C HIS A 69 -34.22 19.25 6.10
N PHE A 70 -35.52 19.36 6.38
CA PHE A 70 -36.33 18.27 6.94
C PHE A 70 -35.73 17.75 8.26
N LYS A 71 -35.42 18.69 9.16
CA LYS A 71 -34.80 18.39 10.46
C LYS A 71 -35.62 17.38 11.26
N GLY A 72 -36.95 17.48 11.17
CA GLY A 72 -37.87 16.54 11.81
C GLY A 72 -37.64 15.10 11.38
N VAL A 73 -37.51 14.90 10.07
CA VAL A 73 -37.24 13.58 9.49
C VAL A 73 -35.90 13.03 9.97
N TRP A 74 -34.84 13.82 9.80
CA TRP A 74 -33.48 13.43 10.20
C TRP A 74 -33.37 13.20 11.70
N ASN A 75 -34.17 13.95 12.46
CA ASN A 75 -34.28 13.78 13.90
C ASN A 75 -34.70 12.35 14.26
N ILE A 76 -35.63 11.80 13.48
CA ILE A 76 -36.07 10.42 13.63
C ILE A 76 -34.97 9.45 13.17
N VAL A 77 -34.45 9.71 11.97
CA VAL A 77 -33.37 8.90 11.39
C VAL A 77 -32.17 8.74 12.32
N ASN A 78 -31.73 9.83 12.94
CA ASN A 78 -30.59 9.81 13.85
C ASN A 78 -30.78 8.96 15.10
N ASN A 79 -32.03 8.83 15.56
CA ASN A 79 -32.34 8.05 16.76
C ASN A 79 -32.84 6.62 16.48
N ILE A 80 -32.80 6.20 15.21
CA ILE A 80 -33.02 4.80 14.83
C ILE A 80 -31.72 4.21 14.26
N PRO A 81 -30.94 3.52 15.12
CA PRO A 81 -29.58 3.04 14.80
C PRO A 81 -29.46 2.31 13.46
N PHE A 82 -30.38 1.39 13.19
CA PHE A 82 -30.40 0.68 11.90
C PHE A 82 -30.46 1.64 10.70
N LEU A 83 -31.26 2.70 10.84
CA LEU A 83 -31.48 3.67 9.78
C LEU A 83 -30.29 4.62 9.63
N ARG A 84 -29.74 5.06 10.77
CA ARG A 84 -28.55 5.91 10.78
C ARG A 84 -27.40 5.17 10.09
N SER A 85 -27.21 3.91 10.45
CA SER A 85 -26.22 3.03 9.81
C SER A 85 -26.45 2.91 8.31
N LEU A 86 -27.72 2.74 7.92
CA LEU A 86 -28.07 2.55 6.52
C LEU A 86 -27.66 3.77 5.68
N ILE A 87 -27.96 4.96 6.21
CA ILE A 87 -27.68 6.20 5.50
C ILE A 87 -26.19 6.57 5.52
N MET A 88 -25.51 6.27 6.63
CA MET A 88 -24.05 6.46 6.69
C MET A 88 -23.35 5.54 5.69
N LYS A 89 -23.82 4.29 5.63
CA LYS A 89 -23.29 3.28 4.71
C LYS A 89 -23.39 3.78 3.27
N TYR A 90 -24.52 4.39 2.93
CA TYR A 90 -24.71 5.02 1.63
C TYR A 90 -23.77 6.21 1.42
N VAL A 91 -23.64 7.05 2.45
CA VAL A 91 -22.78 8.24 2.38
C VAL A 91 -21.33 7.88 2.08
N LEU A 92 -20.85 6.81 2.71
CA LEU A 92 -19.52 6.29 2.46
C LEU A 92 -19.36 5.76 1.01
N THR A 93 -20.29 4.91 0.57
CA THR A 93 -20.13 4.23 -0.72
C THR A 93 -20.50 5.05 -1.96
N SER A 94 -21.26 6.14 -1.80
CA SER A 94 -21.58 7.02 -2.93
C SER A 94 -20.35 7.75 -3.48
N ARG A 95 -19.44 8.13 -2.58
CA ARG A 95 -18.20 8.81 -2.94
C ARG A 95 -17.15 7.86 -3.53
N SER A 96 -17.22 6.59 -3.14
CA SER A 96 -16.15 5.59 -3.35
C SER A 96 -15.53 5.45 -4.74
N TYR A 97 -16.32 5.61 -5.79
CA TYR A 97 -15.83 5.35 -7.14
C TYR A 97 -14.96 6.49 -7.73
N LEU A 98 -14.91 7.63 -7.04
CA LEU A 98 -14.28 8.84 -7.60
C LEU A 98 -12.76 8.95 -7.45
N ILE A 99 -12.18 8.14 -6.57
CA ILE A 99 -10.75 8.20 -6.33
C ILE A 99 -10.04 6.96 -6.89
N ASP A 100 -9.00 7.19 -7.71
CA ASP A 100 -8.13 6.11 -8.19
C ASP A 100 -7.35 5.52 -7.03
N SER A 101 -7.59 4.24 -6.73
CA SER A 101 -6.89 3.55 -5.65
C SER A 101 -6.82 2.06 -6.00
N PRO A 102 -5.61 1.53 -6.32
CA PRO A 102 -4.27 2.12 -6.36
C PRO A 102 -4.16 3.41 -7.20
N PRO A 103 -3.24 4.31 -6.83
CA PRO A 103 -3.17 5.62 -7.48
C PRO A 103 -2.48 5.55 -8.83
N THR A 104 -2.60 6.64 -9.59
CA THR A 104 -2.20 6.66 -10.99
C THR A 104 -1.17 7.76 -11.29
N TYR A 105 -1.65 8.92 -11.73
CA TYR A 105 -0.76 9.97 -12.26
C TYR A 105 -0.03 10.74 -11.16
N ASN A 106 1.02 11.47 -11.57
CA ASN A 106 1.63 12.50 -10.72
C ASN A 106 2.18 13.64 -11.58
N VAL A 107 2.92 14.58 -10.97
CA VAL A 107 3.41 15.74 -11.70
C VAL A 107 4.29 15.42 -12.93
N HIS A 108 5.05 14.33 -12.86
CA HIS A 108 5.93 13.94 -13.95
C HIS A 108 5.33 12.88 -14.88
N TYR A 109 4.22 12.28 -14.48
CA TYR A 109 3.61 11.21 -15.30
C TYR A 109 2.14 11.45 -15.61
N GLY A 110 1.88 11.75 -16.88
CA GLY A 110 0.53 11.93 -17.37
C GLY A 110 -0.02 10.66 -18.00
N TYR A 111 0.73 9.57 -17.86
CA TYR A 111 0.30 8.22 -18.23
C TYR A 111 0.69 7.34 -17.04
N LYS A 112 0.01 6.22 -16.84
CA LYS A 112 0.38 5.29 -15.74
C LYS A 112 1.78 4.69 -15.94
N SER A 113 2.56 4.61 -14.85
CA SER A 113 3.90 4.01 -14.89
C SER A 113 4.23 3.39 -13.54
N TRP A 114 5.14 2.41 -13.53
CA TRP A 114 5.65 1.86 -12.28
C TRP A 114 6.31 2.93 -11.40
N GLU A 115 6.99 3.89 -12.02
CA GLU A 115 7.57 5.00 -11.27
C GLU A 115 6.50 5.77 -10.48
N ALA A 116 5.40 6.13 -11.14
CA ALA A 116 4.33 6.88 -10.49
C ALA A 116 3.65 6.04 -9.40
N PHE A 117 3.46 4.75 -9.66
CA PHE A 117 2.85 3.90 -8.64
C PHE A 117 3.75 3.74 -7.40
N SER A 118 5.04 3.50 -7.61
CA SER A 118 5.89 3.02 -6.52
C SER A 118 6.61 4.12 -5.75
N ASN A 119 6.75 5.29 -6.34
CA ASN A 119 7.55 6.33 -5.68
C ASN A 119 6.70 7.16 -4.71
N LEU A 120 6.82 6.88 -3.41
CA LEU A 120 5.98 7.50 -2.37
C LEU A 120 6.30 8.99 -2.10
N SER A 121 7.41 9.47 -2.66
CA SER A 121 7.85 10.87 -2.47
C SER A 121 7.01 11.87 -3.25
N TYR A 122 6.29 11.39 -4.25
CA TYR A 122 5.33 12.23 -4.99
C TYR A 122 3.96 12.28 -4.31
N TYR A 123 3.33 13.45 -4.41
CA TYR A 123 1.88 13.53 -4.32
C TYR A 123 1.30 12.86 -5.57
N THR A 124 0.19 12.15 -5.43
CA THR A 124 -0.47 11.62 -6.62
C THR A 124 -1.32 12.72 -7.30
N ARG A 125 -1.89 12.43 -8.46
CA ARG A 125 -2.71 13.42 -9.17
C ARG A 125 -4.06 12.85 -9.58
N ALA A 126 -5.12 13.57 -9.22
CA ALA A 126 -6.49 13.23 -9.62
C ALA A 126 -6.70 13.41 -11.13
N LEU A 127 -6.02 14.41 -11.70
CA LEU A 127 -5.97 14.60 -13.14
C LEU A 127 -4.50 14.75 -13.56
N PRO A 128 -4.15 14.10 -14.69
CA PRO A 128 -2.79 14.22 -15.22
C PRO A 128 -2.43 15.68 -15.50
N PRO A 129 -1.12 16.00 -15.51
CA PRO A 129 -0.72 17.35 -15.85
C PRO A 129 -0.93 17.65 -17.34
N VAL A 130 -1.18 18.91 -17.65
CA VAL A 130 -1.16 19.41 -19.01
C VAL A 130 0.23 19.12 -19.59
N ALA A 131 0.28 18.50 -20.78
CA ALA A 131 1.56 18.15 -21.42
C ALA A 131 2.46 19.38 -21.62
N ASP A 132 3.78 19.15 -21.64
CA ASP A 132 4.75 20.26 -21.68
C ASP A 132 4.72 21.11 -22.94
N ASP A 133 4.34 20.51 -24.06
CA ASP A 133 4.35 21.24 -25.32
C ASP A 133 2.99 21.80 -25.77
N CYS A 134 1.96 21.74 -24.92
CA CYS A 134 0.65 22.27 -25.29
C CYS A 134 0.74 23.76 -25.62
N PRO A 135 0.02 24.21 -26.66
CA PRO A 135 0.14 25.61 -27.09
C PRO A 135 -0.32 26.62 -26.04
N THR A 136 -1.03 26.14 -25.04
CA THR A 136 -1.71 27.00 -24.08
C THR A 136 -1.55 26.43 -22.67
N PRO A 137 -1.48 27.31 -21.63
CA PRO A 137 -1.29 26.79 -20.28
C PRO A 137 -2.29 25.68 -19.92
N MET A 138 -3.55 25.82 -20.36
CA MET A 138 -4.59 24.84 -20.02
C MET A 138 -4.81 23.77 -21.10
N GLY A 139 -4.03 23.82 -22.18
CA GLY A 139 -4.14 22.85 -23.27
C GLY A 139 -4.12 23.50 -24.64
N VAL A 140 -5.30 23.87 -25.12
CA VAL A 140 -5.45 24.59 -26.39
C VAL A 140 -6.31 25.86 -26.26
N LYS A 141 -7.09 25.96 -25.17
CA LYS A 141 -7.99 27.12 -24.95
C LYS A 141 -7.36 28.31 -24.24
N GLY A 142 -7.94 29.49 -24.39
CA GLY A 142 -7.47 30.70 -23.69
C GLY A 142 -6.29 31.38 -24.37
N ASN A 143 -5.72 32.36 -23.70
CA ASN A 143 -4.60 33.13 -24.24
C ASN A 143 -3.27 32.39 -24.12
N LYS A 144 -2.21 33.01 -24.65
CA LYS A 144 -0.86 32.42 -24.64
C LYS A 144 -0.36 32.23 -23.21
N GLU A 145 -0.68 33.18 -22.34
CA GLU A 145 -0.41 32.97 -20.94
C GLU A 145 -1.58 33.37 -20.06
N LEU A 146 -1.62 32.76 -18.88
CA LEU A 146 -2.61 33.07 -17.88
C LEU A 146 -2.36 34.47 -17.33
N PRO A 147 -3.40 35.09 -16.72
CA PRO A 147 -3.25 36.40 -16.08
C PRO A 147 -2.19 36.39 -14.97
N ASP A 148 -1.56 37.54 -14.75
CA ASP A 148 -0.60 37.75 -13.68
C ASP A 148 -1.23 37.32 -12.36
N SER A 149 -0.54 36.45 -11.63
CA SER A 149 -1.07 35.88 -10.40
C SER A 149 -1.29 36.93 -9.30
N LYS A 150 -0.45 37.97 -9.28
CA LYS A 150 -0.62 39.10 -8.35
C LYS A 150 -1.94 39.83 -8.62
N GLU A 151 -2.25 40.04 -9.90
CA GLU A 151 -3.53 40.65 -10.28
C GLU A 151 -4.75 39.82 -9.85
N VAL A 152 -4.69 38.51 -10.06
CA VAL A 152 -5.77 37.62 -9.60
C VAL A 152 -5.92 37.75 -8.08
N LEU A 153 -4.80 37.58 -7.37
CA LEU A 153 -4.75 37.73 -5.92
C LEU A 153 -5.39 39.05 -5.44
N GLU A 154 -4.88 40.17 -5.92
CA GLU A 154 -5.34 41.49 -5.46
C GLU A 154 -6.78 41.83 -5.79
N LYS A 155 -7.22 41.45 -7.00
CA LYS A 155 -8.56 41.79 -7.47
C LYS A 155 -9.69 40.95 -6.86
N VAL A 156 -9.49 39.65 -6.67
CA VAL A 156 -10.58 38.78 -6.20
C VAL A 156 -10.31 37.94 -4.93
N LEU A 157 -9.06 37.91 -4.45
CA LEU A 157 -8.72 37.09 -3.27
C LEU A 157 -8.45 37.86 -1.97
N LEU A 158 -7.80 39.02 -2.05
CA LEU A 158 -7.40 39.73 -0.83
C LEU A 158 -8.57 40.30 -0.05
N ARG A 159 -8.49 40.19 1.27
CA ARG A 159 -9.53 40.65 2.18
C ARG A 159 -9.63 42.18 2.17
N ARG A 160 -10.83 42.70 1.97
CA ARG A 160 -11.08 44.13 2.16
C ARG A 160 -11.49 44.31 3.61
N GLU A 161 -12.69 43.86 3.97
CA GLU A 161 -13.08 43.76 5.37
C GLU A 161 -13.26 42.30 5.70
N PHE A 162 -13.05 41.95 6.97
CA PHE A 162 -13.20 40.58 7.44
C PHE A 162 -14.62 40.06 7.16
N ILE A 163 -14.71 38.91 6.50
CA ILE A 163 -16.00 38.25 6.24
C ILE A 163 -16.10 37.01 7.13
N PRO A 164 -16.97 37.06 8.16
CA PRO A 164 -17.08 35.93 9.09
C PRO A 164 -17.77 34.71 8.46
N ASP A 165 -17.41 33.52 8.91
CA ASP A 165 -18.06 32.29 8.44
C ASP A 165 -19.51 32.23 8.93
N PRO A 166 -20.48 32.23 8.00
CA PRO A 166 -21.89 32.17 8.43
C PRO A 166 -22.24 30.86 9.12
N GLN A 167 -21.45 29.80 8.90
CA GLN A 167 -21.63 28.51 9.59
C GLN A 167 -21.12 28.53 11.03
N GLY A 168 -20.40 29.59 11.40
CA GLY A 168 -19.96 29.77 12.78
C GLY A 168 -18.69 29.03 13.18
N SER A 169 -17.88 28.63 12.20
CA SER A 169 -16.57 28.00 12.50
C SER A 169 -15.75 28.93 13.36
N ASN A 170 -15.08 28.37 14.36
CA ASN A 170 -14.27 29.16 15.28
C ASN A 170 -12.75 28.88 15.14
N MET A 171 -11.95 29.50 16.00
CA MET A 171 -10.50 29.29 15.97
C MET A 171 -10.05 27.91 16.43
N MET A 172 -10.83 27.28 17.31
CA MET A 172 -10.59 25.88 17.64
C MET A 172 -10.67 25.02 16.38
N PHE A 173 -11.64 25.32 15.51
CA PHE A 173 -11.80 24.61 14.25
C PHE A 173 -10.65 24.90 13.28
N ALA A 174 -10.29 26.17 13.16
CA ALA A 174 -9.26 26.61 12.22
C ALA A 174 -7.91 25.98 12.56
N PHE A 175 -7.55 25.99 13.84
CA PHE A 175 -6.29 25.40 14.25
C PHE A 175 -6.30 23.88 14.23
N PHE A 176 -7.47 23.25 14.42
CA PHE A 176 -7.57 21.80 14.29
C PHE A 176 -7.36 21.35 12.84
N ALA A 177 -7.95 22.10 11.90
CA ALA A 177 -7.77 21.85 10.48
C ALA A 177 -6.29 21.94 10.11
N GLN A 178 -5.62 22.99 10.57
CA GLN A 178 -4.20 23.19 10.27
C GLN A 178 -3.37 22.05 10.87
N HIS A 179 -3.53 21.83 12.18
CA HIS A 179 -2.82 20.78 12.91
C HIS A 179 -3.01 19.39 12.28
N PHE A 180 -4.27 19.00 12.06
CA PHE A 180 -4.61 17.69 11.51
C PHE A 180 -4.06 17.44 10.08
N THR A 181 -4.29 18.40 9.18
CA THR A 181 -3.86 18.24 7.77
C THR A 181 -2.35 18.29 7.59
N HIS A 182 -1.63 18.98 8.49
CA HIS A 182 -0.18 19.10 8.33
C HIS A 182 0.60 17.83 8.68
N GLN A 183 -0.11 16.76 9.02
CA GLN A 183 0.54 15.44 9.09
C GLN A 183 0.64 14.81 7.71
N PHE A 184 -0.28 15.16 6.80
CA PHE A 184 -0.23 14.59 5.44
C PHE A 184 0.00 15.56 4.27
N PHE A 185 -0.14 16.85 4.52
CA PHE A 185 0.34 17.86 3.58
C PHE A 185 1.64 18.42 4.14
N LYS A 186 2.78 17.92 3.62
CA LYS A 186 4.10 18.31 4.10
C LYS A 186 5.02 18.39 2.91
N THR A 187 4.89 19.46 2.14
CA THR A 187 5.56 19.58 0.85
C THR A 187 7.08 19.61 0.99
N ASP A 188 7.75 18.81 0.16
CA ASP A 188 9.21 18.71 0.15
C ASP A 188 9.78 19.79 -0.77
N HIS A 189 9.96 20.98 -0.22
CA HIS A 189 10.36 22.15 -1.01
C HIS A 189 11.73 22.05 -1.67
N LYS A 190 12.62 21.25 -1.09
CA LYS A 190 13.93 21.05 -1.71
C LYS A 190 13.82 20.22 -3.00
N ARG A 191 12.72 19.49 -3.15
CA ARG A 191 12.42 18.75 -4.37
C ARG A 191 11.43 19.49 -5.30
N GLY A 192 10.41 20.12 -4.73
CA GLY A 192 9.43 20.88 -5.52
C GLY A 192 8.03 20.61 -5.02
N PRO A 193 7.04 21.39 -5.50
CA PRO A 193 5.67 21.33 -4.95
C PRO A 193 4.94 20.01 -5.16
N GLY A 194 5.37 19.23 -6.14
CA GLY A 194 4.75 17.95 -6.41
C GLY A 194 5.27 16.80 -5.55
N PHE A 195 6.12 17.14 -4.56
CA PHE A 195 6.74 16.14 -3.70
C PHE A 195 6.34 16.33 -2.23
N THR A 196 6.22 15.21 -1.53
CA THR A 196 5.84 15.21 -0.12
C THR A 196 6.90 14.54 0.77
N ARG A 197 6.93 14.97 2.02
CA ARG A 197 7.76 14.35 3.05
C ARG A 197 6.95 13.39 3.95
N GLY A 198 5.64 13.38 3.76
CA GLY A 198 4.76 12.48 4.50
C GLY A 198 4.59 11.17 3.77
N LEU A 199 5.55 10.27 3.92
CA LEU A 199 5.56 9.02 3.15
C LEU A 199 4.48 8.03 3.57
N GLY A 200 3.89 8.23 4.75
CA GLY A 200 2.75 7.44 5.23
C GLY A 200 1.47 7.78 4.48
N HIS A 201 1.43 8.95 3.85
CA HIS A 201 0.27 9.37 3.03
C HIS A 201 -1.07 9.30 3.78
N GLY A 202 -1.11 9.80 5.01
CA GLY A 202 -2.38 9.81 5.74
C GLY A 202 -2.26 10.02 7.23
N VAL A 203 -3.24 9.48 7.94
CA VAL A 203 -3.37 9.69 9.38
C VAL A 203 -2.52 8.66 10.11
N ASP A 204 -1.21 8.93 10.20
CA ASP A 204 -0.31 8.08 10.97
C ASP A 204 0.15 8.76 12.26
N LEU A 205 -0.27 10.02 12.41
CA LEU A 205 0.13 10.88 13.53
C LEU A 205 1.63 11.15 13.61
N ASN A 206 2.31 11.19 12.47
CA ASN A 206 3.70 11.62 12.42
C ASN A 206 3.93 13.04 12.98
N HIS A 207 2.88 13.88 12.94
CA HIS A 207 2.96 15.25 13.49
C HIS A 207 3.07 15.26 15.02
N ILE A 208 2.81 14.10 15.63
CA ILE A 208 2.99 13.91 17.07
C ILE A 208 4.24 13.08 17.35
N TYR A 209 4.43 12.00 16.58
CA TYR A 209 5.44 11.00 16.90
C TYR A 209 6.71 11.09 16.08
N GLY A 210 6.69 11.88 15.02
CA GLY A 210 7.84 11.98 14.12
C GLY A 210 7.67 11.13 12.88
N GLU A 211 8.22 11.61 11.77
CA GLU A 211 8.16 10.90 10.50
C GLU A 211 9.09 9.67 10.53
N THR A 212 10.27 9.83 11.14
CA THR A 212 11.26 8.75 11.19
C THR A 212 11.35 8.12 12.58
N LEU A 213 11.81 6.88 12.60
CA LEU A 213 12.08 6.13 13.83
C LEU A 213 13.11 6.83 14.73
N ASP A 214 14.13 7.42 14.12
CA ASP A 214 15.14 8.18 14.85
C ASP A 214 14.52 9.38 15.59
N ARG A 215 13.65 10.11 14.91
CA ARG A 215 12.95 11.25 15.52
C ARG A 215 11.98 10.80 16.62
N GLN A 216 11.26 9.71 16.39
CA GLN A 216 10.36 9.13 17.40
C GLN A 216 11.11 8.72 18.67
N HIS A 217 12.22 8.02 18.52
CA HIS A 217 13.02 7.62 19.68
C HIS A 217 13.55 8.80 20.50
N LYS A 218 13.90 9.90 19.84
CA LYS A 218 14.32 11.10 20.55
C LYS A 218 13.18 11.77 21.34
N LEU A 219 11.93 11.60 20.89
CA LEU A 219 10.76 12.19 21.54
C LEU A 219 10.14 11.34 22.66
N ARG A 220 10.53 10.08 22.71
CA ARG A 220 9.98 9.13 23.68
C ARG A 220 10.75 9.08 25.00
N LEU A 221 10.01 8.85 26.07
CA LEU A 221 10.57 8.73 27.41
C LEU A 221 11.22 7.35 27.63
N PHE A 222 10.70 6.31 26.97
CA PHE A 222 11.12 4.91 27.19
C PHE A 222 10.79 4.38 28.59
N LYS A 223 9.83 5.03 29.24
CA LYS A 223 9.20 4.50 30.43
C LYS A 223 7.69 4.61 30.23
N ASP A 224 6.99 3.52 30.52
CA ASP A 224 5.52 3.48 30.52
C ASP A 224 4.85 3.82 29.18
N GLY A 225 5.59 3.66 28.08
CA GLY A 225 5.09 3.96 26.73
C GLY A 225 5.01 5.44 26.37
N LYS A 226 5.51 6.29 27.27
CA LYS A 226 5.21 7.72 27.21
C LYS A 226 6.10 8.53 26.27
N LEU A 227 5.60 9.72 25.93
CA LEU A 227 6.40 10.77 25.32
C LEU A 227 7.08 11.63 26.38
N LYS A 228 8.29 12.10 26.08
CA LYS A 228 8.99 13.07 26.94
C LYS A 228 8.19 14.38 27.04
N TYR A 229 8.41 15.11 28.13
CA TYR A 229 7.69 16.36 28.40
C TYR A 229 8.43 17.15 29.46
N GLN A 230 8.09 18.43 29.60
CA GLN A 230 8.57 19.25 30.69
C GLN A 230 7.37 19.79 31.49
N VAL A 231 7.65 20.26 32.71
CA VAL A 231 6.63 20.83 33.57
C VAL A 231 6.98 22.30 33.86
N ILE A 232 6.18 23.23 33.34
CA ILE A 232 6.46 24.65 33.55
C ILE A 232 5.27 25.27 34.26
N GLY A 233 5.53 25.87 35.42
CA GLY A 233 4.48 26.42 36.28
C GLY A 233 3.41 25.39 36.62
N GLY A 234 3.85 24.14 36.82
CA GLY A 234 2.95 23.05 37.17
C GLY A 234 2.19 22.46 36.01
N GLU A 235 2.47 22.94 34.79
CA GLU A 235 1.75 22.52 33.59
C GLU A 235 2.64 21.70 32.66
N VAL A 236 2.07 20.65 32.06
CA VAL A 236 2.81 19.78 31.16
C VAL A 236 2.87 20.35 29.74
N TYR A 237 4.08 20.52 29.23
CA TYR A 237 4.29 20.96 27.84
C TYR A 237 5.27 20.02 27.13
N PRO A 238 5.40 20.15 25.79
CA PRO A 238 6.41 19.37 25.07
C PRO A 238 7.82 19.69 25.56
N PRO A 239 8.77 18.76 25.35
CA PRO A 239 10.13 18.99 25.84
C PRO A 239 10.90 19.95 24.92
N THR A 240 12.13 20.29 25.28
CA THR A 240 12.89 21.24 24.47
C THR A 240 13.70 20.59 23.33
N VAL A 241 14.14 21.42 22.40
CA VAL A 241 15.11 21.03 21.39
C VAL A 241 16.44 20.62 22.05
N LYS A 242 16.92 21.43 23.00
CA LYS A 242 18.16 21.12 23.72
C LYS A 242 18.13 19.77 24.46
N ASP A 243 17.01 19.47 25.12
CA ASP A 243 16.83 18.21 25.86
C ASP A 243 16.76 16.98 24.94
N THR A 244 16.01 17.09 23.84
CA THR A 244 15.71 15.94 22.98
C THR A 244 16.65 15.78 21.79
N GLN A 245 17.32 16.88 21.41
CA GLN A 245 18.12 16.96 20.17
C GLN A 245 17.27 16.69 18.90
N VAL A 246 15.99 17.07 18.98
CA VAL A 246 15.05 16.95 17.87
C VAL A 246 15.08 18.28 17.09
N GLU A 247 15.36 18.21 15.79
CA GLU A 247 15.35 19.39 14.93
C GLU A 247 13.96 20.04 14.83
N MET A 248 13.92 21.36 14.99
CA MET A 248 12.69 22.16 14.83
C MET A 248 13.04 23.44 14.08
N ILE A 249 12.05 24.06 13.44
CA ILE A 249 12.26 25.35 12.78
C ILE A 249 11.89 26.48 13.74
N TYR A 250 12.90 27.23 14.18
CA TYR A 250 12.71 28.42 15.01
C TYR A 250 13.65 29.52 14.56
N PRO A 251 13.18 30.78 14.63
CA PRO A 251 14.03 31.93 14.48
C PRO A 251 15.12 31.93 15.57
N PRO A 252 16.28 32.55 15.27
CA PRO A 252 17.41 32.65 16.20
C PRO A 252 17.09 33.21 17.59
N HIS A 253 16.11 34.11 17.69
CA HIS A 253 15.83 34.81 18.96
C HIS A 253 15.06 34.00 20.05
N ILE A 254 14.50 32.85 19.67
CA ILE A 254 13.62 32.10 20.60
C ILE A 254 14.38 31.46 21.79
N PRO A 255 13.95 31.78 23.03
CA PRO A 255 14.55 31.21 24.25
C PRO A 255 14.49 29.68 24.33
N GLU A 256 15.51 29.10 24.98
CA GLU A 256 15.71 27.66 25.06
C GLU A 256 14.47 26.87 25.47
N ASN A 257 13.83 27.27 26.57
CA ASN A 257 12.65 26.53 27.06
C ASN A 257 11.41 26.72 26.20
N LEU A 258 11.40 27.76 25.37
CA LEU A 258 10.32 27.94 24.39
C LEU A 258 10.57 27.25 23.06
N GLN A 259 11.74 26.62 22.89
CA GLN A 259 11.96 25.78 21.71
C GLN A 259 11.37 24.39 21.90
N PHE A 260 10.05 24.32 21.86
CA PHE A 260 9.33 23.07 22.00
C PHE A 260 9.63 22.08 20.88
N ALA A 261 9.84 20.83 21.25
CA ALA A 261 10.10 19.76 20.27
C ALA A 261 8.89 18.83 20.20
N VAL A 262 8.30 18.78 19.02
CA VAL A 262 7.18 17.90 18.75
C VAL A 262 7.40 17.16 17.43
N GLY A 263 6.49 16.24 17.10
CA GLY A 263 6.58 15.41 15.91
C GLY A 263 6.82 16.17 14.61
N GLN A 264 5.99 17.18 14.37
CA GLN A 264 6.08 17.99 13.16
C GLN A 264 6.97 19.22 13.38
N GLU A 265 7.99 19.37 12.52
CA GLU A 265 9.05 20.35 12.74
C GLU A 265 8.64 21.81 12.56
N VAL A 266 7.50 22.07 11.92
CA VAL A 266 7.03 23.46 11.72
C VAL A 266 6.07 23.95 12.80
N PHE A 267 5.69 23.08 13.74
CA PHE A 267 4.60 23.41 14.68
C PHE A 267 4.91 24.49 15.73
N GLY A 268 6.18 24.86 15.91
CA GLY A 268 6.55 25.99 16.75
C GLY A 268 6.19 27.34 16.15
N LEU A 269 5.81 27.35 14.87
CA LEU A 269 5.47 28.56 14.12
C LEU A 269 4.23 29.31 14.66
N VAL A 270 3.24 28.56 15.12
CA VAL A 270 1.97 29.11 15.50
C VAL A 270 1.58 28.55 16.86
N PRO A 271 1.29 29.43 17.84
CA PRO A 271 0.86 28.99 19.18
C PRO A 271 -0.41 28.17 19.13
N GLY A 272 -1.27 28.43 18.15
CA GLY A 272 -2.46 27.60 17.92
C GLY A 272 -2.11 26.16 17.63
N LEU A 273 -1.01 25.94 16.91
CA LEU A 273 -0.55 24.59 16.60
C LEU A 273 0.09 23.95 17.83
N MET A 274 0.87 24.74 18.58
CA MET A 274 1.47 24.23 19.82
CA MET A 274 1.47 24.24 19.82
C MET A 274 0.42 23.89 20.87
N MET A 275 -0.72 24.59 20.85
CA MET A 275 -1.85 24.26 21.73
C MET A 275 -2.36 22.83 21.50
N TYR A 276 -2.55 22.46 20.24
CA TYR A 276 -2.98 21.10 19.90
C TYR A 276 -1.86 20.07 20.08
N ALA A 277 -0.62 20.48 19.80
CA ALA A 277 0.53 19.60 20.04
C ALA A 277 0.60 19.19 21.50
N THR A 278 0.40 20.16 22.39
CA THR A 278 0.42 19.94 23.84
C THR A 278 -0.76 19.06 24.26
N ILE A 279 -1.95 19.36 23.73
CA ILE A 279 -3.14 18.57 24.04
C ILE A 279 -2.95 17.08 23.69
N TRP A 280 -2.46 16.82 22.49
CA TRP A 280 -2.30 15.45 22.00
C TRP A 280 -1.19 14.71 22.71
N LEU A 281 -0.10 15.40 23.04
CA LEU A 281 0.94 14.81 23.87
C LEU A 281 0.37 14.31 25.21
N ARG A 282 -0.35 15.20 25.92
CA ARG A 282 -0.99 14.84 27.19
C ARG A 282 -1.94 13.66 27.01
N GLU A 283 -2.69 13.66 25.90
CA GLU A 283 -3.59 12.54 25.60
C GLU A 283 -2.84 11.20 25.45
N HIS A 284 -1.69 11.22 24.78
CA HIS A 284 -0.89 10.00 24.61
C HIS A 284 -0.48 9.45 25.96
N ASN A 285 -0.03 10.33 26.84
CA ASN A 285 0.44 9.92 28.16
C ASN A 285 -0.71 9.52 29.07
N ARG A 286 -1.87 10.16 28.90
CA ARG A 286 -3.09 9.77 29.58
C ARG A 286 -3.47 8.33 29.21
N VAL A 287 -3.47 8.04 27.90
CA VAL A 287 -3.77 6.68 27.41
C VAL A 287 -2.75 5.63 27.89
N CYS A 288 -1.48 6.02 27.96
CA CYS A 288 -0.44 5.16 28.57
C CYS A 288 -0.79 4.76 30.01
N ASP A 289 -1.21 5.76 30.80
CA ASP A 289 -1.61 5.52 32.21
C ASP A 289 -2.74 4.50 32.30
N ILE A 290 -3.73 4.64 31.42
CA ILE A 290 -4.89 3.73 31.37
C ILE A 290 -4.47 2.31 31.01
N LEU A 291 -3.67 2.17 29.96
CA LEU A 291 -3.24 0.85 29.50
C LEU A 291 -2.32 0.16 30.50
N LYS A 292 -1.51 0.93 31.22
CA LYS A 292 -0.63 0.39 32.27
C LYS A 292 -1.48 -0.18 33.40
N GLN A 293 -2.58 0.50 33.71
CA GLN A 293 -3.57 0.02 34.69
C GLN A 293 -4.21 -1.29 34.20
N GLU A 294 -4.59 -1.34 32.92
CA GLU A 294 -5.17 -2.55 32.32
C GLU A 294 -4.16 -3.69 32.20
N HIS A 295 -2.90 -3.35 31.96
CA HIS A 295 -1.88 -4.33 31.65
C HIS A 295 -0.60 -4.04 32.43
N PRO A 296 -0.56 -4.39 33.75
CA PRO A 296 0.69 -4.17 34.48
C PRO A 296 1.86 -5.02 33.96
N GLU A 297 1.56 -6.02 33.13
CA GLU A 297 2.56 -6.93 32.57
C GLU A 297 3.23 -6.41 31.28
N TRP A 298 2.64 -5.40 30.65
CA TRP A 298 3.16 -4.87 29.39
C TRP A 298 4.41 -4.02 29.61
N GLY A 299 5.32 -4.04 28.64
CA GLY A 299 6.51 -3.18 28.67
C GLY A 299 6.28 -1.86 27.96
N ASP A 300 7.29 -0.98 28.01
CA ASP A 300 7.25 0.36 27.38
C ASP A 300 6.87 0.34 25.89
N GLU A 301 7.49 -0.56 25.12
CA GLU A 301 7.28 -0.61 23.67
C GLU A 301 5.81 -0.90 23.31
N GLN A 302 5.24 -1.92 23.93
CA GLN A 302 3.84 -2.27 23.62
C GLN A 302 2.89 -1.16 24.07
N LEU A 303 3.18 -0.54 25.20
CA LEU A 303 2.38 0.59 25.69
C LEU A 303 2.40 1.76 24.71
N PHE A 304 3.58 2.11 24.22
CA PHE A 304 3.71 3.17 23.23
C PHE A 304 2.94 2.87 21.95
N GLN A 305 3.09 1.65 21.43
CA GLN A 305 2.53 1.32 20.12
C GLN A 305 1.02 1.23 20.19
N THR A 306 0.51 0.65 21.27
CA THR A 306 -0.94 0.52 21.46
C THR A 306 -1.63 1.88 21.64
N SER A 307 -1.01 2.75 22.43
CA SER A 307 -1.48 4.12 22.60
C SER A 307 -1.53 4.87 21.27
N ARG A 308 -0.48 4.73 20.45
CA ARG A 308 -0.47 5.36 19.12
C ARG A 308 -1.64 4.89 18.25
N LEU A 309 -1.91 3.58 18.22
CA LEU A 309 -3.09 3.08 17.49
C LEU A 309 -4.40 3.64 18.00
N ILE A 310 -4.53 3.73 19.33
CA ILE A 310 -5.71 4.33 19.96
C ILE A 310 -5.89 5.80 19.55
N LEU A 311 -4.80 6.58 19.55
CA LEU A 311 -4.87 7.99 19.18
C LEU A 311 -5.20 8.18 17.70
N ILE A 312 -4.72 7.28 16.86
CA ILE A 312 -5.09 7.30 15.43
C ILE A 312 -6.60 7.12 15.30
N GLY A 313 -7.15 6.16 16.08
CA GLY A 313 -8.60 5.95 16.16
C GLY A 313 -9.38 7.16 16.63
N GLU A 314 -8.95 7.76 17.76
CA GLU A 314 -9.56 8.99 18.29
C GLU A 314 -9.62 10.07 17.22
N THR A 315 -8.50 10.26 16.51
CA THR A 315 -8.37 11.28 15.47
C THR A 315 -9.42 11.09 14.37
N ILE A 316 -9.48 9.89 13.82
CA ILE A 316 -10.46 9.57 12.79
C ILE A 316 -11.88 9.77 13.31
N LYS A 317 -12.14 9.30 14.55
CA LYS A 317 -13.45 9.47 15.18
C LYS A 317 -13.84 10.95 15.28
N ILE A 318 -12.91 11.78 15.78
CA ILE A 318 -13.17 13.22 15.95
C ILE A 318 -13.37 13.90 14.59
N VAL A 319 -12.50 13.58 13.62
CA VAL A 319 -12.59 14.19 12.29
C VAL A 319 -13.96 13.93 11.62
N ILE A 320 -14.47 12.70 11.71
CA ILE A 320 -15.77 12.39 11.12
C ILE A 320 -16.95 13.02 11.90
N GLU A 321 -17.01 12.74 13.21
CA GLU A 321 -18.22 13.01 13.98
C GLU A 321 -18.33 14.44 14.50
N ASP A 322 -17.20 15.15 14.60
CA ASP A 322 -17.20 16.56 15.02
C ASP A 322 -16.80 17.50 13.86
N TYR A 323 -15.61 17.28 13.30
CA TYR A 323 -15.01 18.16 12.29
C TYR A 323 -15.81 18.18 11.00
N VAL A 324 -15.91 17.04 10.33
CA VAL A 324 -16.67 16.94 9.09
C VAL A 324 -18.16 17.21 9.35
N GLN A 325 -18.68 16.72 10.49
CA GLN A 325 -20.06 16.98 10.86
C GLN A 325 -20.34 18.48 10.86
N HIS A 326 -19.45 19.24 11.52
CA HIS A 326 -19.58 20.70 11.53
C HIS A 326 -19.58 21.30 10.12
N LEU A 327 -18.60 20.90 9.32
CA LEU A 327 -18.42 21.40 7.96
C LEU A 327 -19.62 21.14 7.04
N SER A 328 -20.16 19.92 7.13
CA SER A 328 -21.23 19.46 6.27
C SER A 328 -22.48 20.33 6.34
N GLY A 329 -22.78 20.81 7.55
CA GLY A 329 -24.06 21.47 7.83
C GLY A 329 -25.25 20.52 7.83
N TYR A 330 -25.01 19.21 7.77
CA TYR A 330 -26.10 18.23 7.72
C TYR A 330 -26.83 18.11 9.05
N HIS A 331 -28.13 17.81 8.97
CA HIS A 331 -28.93 17.44 10.14
C HIS A 331 -28.72 15.97 10.51
N PHE A 332 -28.31 15.17 9.52
CA PHE A 332 -27.95 13.77 9.72
C PHE A 332 -26.64 13.68 10.48
N LYS A 333 -26.61 12.85 11.52
CA LYS A 333 -25.42 12.66 12.34
C LYS A 333 -24.49 11.61 11.70
N LEU A 334 -23.37 12.08 11.16
CA LEU A 334 -22.35 11.18 10.60
C LEU A 334 -21.79 10.26 11.69
N LYS A 335 -21.35 9.08 11.28
CA LYS A 335 -20.86 8.05 12.21
C LYS A 335 -19.52 7.45 11.76
N PHE A 336 -18.58 7.30 12.69
CA PHE A 336 -17.38 6.52 12.43
C PHE A 336 -17.61 5.06 12.81
N ASP A 337 -17.75 4.21 11.80
CA ASP A 337 -17.99 2.78 12.00
C ASP A 337 -17.41 1.98 10.83
N PRO A 338 -16.14 1.53 10.95
CA PRO A 338 -15.49 0.71 9.92
C PRO A 338 -16.33 -0.49 9.46
N GLU A 339 -17.15 -1.04 10.35
CA GLU A 339 -18.00 -2.20 10.03
C GLU A 339 -18.93 -2.01 8.86
N LEU A 340 -19.35 -0.76 8.63
CA LEU A 340 -20.26 -0.45 7.53
C LEU A 340 -19.69 -0.77 6.15
N LEU A 341 -18.36 -0.87 6.04
CA LEU A 341 -17.70 -1.19 4.78
C LEU A 341 -17.36 -2.67 4.59
N PHE A 342 -17.51 -3.48 5.65
CA PHE A 342 -17.02 -4.87 5.64
C PHE A 342 -17.68 -5.80 4.59
N ASN A 343 -18.87 -5.47 4.09
CA ASN A 343 -19.44 -6.26 2.99
C ASN A 343 -19.46 -5.49 1.66
N GLN A 344 -18.60 -4.47 1.57
CA GLN A 344 -18.49 -3.61 0.40
C GLN A 344 -17.11 -3.74 -0.23
N GLN A 345 -16.98 -3.31 -1.48
CA GLN A 345 -15.68 -3.23 -2.13
C GLN A 345 -15.02 -1.93 -1.74
N PHE A 346 -13.87 -2.00 -1.09
CA PHE A 346 -13.16 -0.82 -0.64
C PHE A 346 -11.69 -1.17 -0.43
N GLN A 347 -10.81 -0.26 -0.85
CA GLN A 347 -9.37 -0.45 -0.75
C GLN A 347 -8.81 0.24 0.49
N TYR A 348 -8.26 -0.56 1.41
CA TYR A 348 -7.67 -0.01 2.63
C TYR A 348 -6.26 0.55 2.37
N GLN A 349 -6.21 1.66 1.64
CA GLN A 349 -4.96 2.36 1.32
C GLN A 349 -5.25 3.76 0.80
N ASN A 350 -4.25 4.62 0.83
CA ASN A 350 -4.42 5.98 0.38
C ASN A 350 -3.11 6.55 -0.14
N ARG A 351 -3.21 7.40 -1.14
CA ARG A 351 -2.09 8.19 -1.61
C ARG A 351 -2.60 9.63 -1.66
N ILE A 352 -1.84 10.56 -1.10
CA ILE A 352 -2.30 11.95 -1.00
C ILE A 352 -2.16 12.66 -2.34
N ALA A 353 -3.28 13.20 -2.84
CA ALA A 353 -3.31 13.91 -4.10
C ALA A 353 -2.90 15.36 -3.90
N SER A 354 -2.15 15.87 -4.88
CA SER A 354 -1.71 17.24 -4.91
C SER A 354 -2.91 18.20 -4.82
N GLU A 355 -3.98 17.89 -5.55
CA GLU A 355 -5.17 18.73 -5.60
C GLU A 355 -5.92 18.77 -4.26
N PHE A 356 -5.79 17.69 -3.49
CA PHE A 356 -6.34 17.62 -2.13
C PHE A 356 -5.60 18.60 -1.22
N ASN A 357 -4.27 18.63 -1.34
CA ASN A 357 -3.46 19.67 -0.71
C ASN A 357 -3.90 21.07 -1.15
N THR A 358 -3.94 21.31 -2.46
CA THR A 358 -4.30 22.62 -3.01
C THR A 358 -5.66 23.14 -2.51
N LEU A 359 -6.69 22.31 -2.58
CA LEU A 359 -8.03 22.73 -2.15
C LEU A 359 -8.10 23.05 -0.64
N TYR A 360 -7.17 22.49 0.13
CA TYR A 360 -7.14 22.66 1.58
C TYR A 360 -6.36 23.90 2.06
N HIS A 361 -5.97 24.74 1.11
CA HIS A 361 -5.32 26.01 1.45
C HIS A 361 -6.37 27.04 1.90
N TRP A 362 -6.92 26.81 3.11
CA TRP A 362 -8.05 27.58 3.62
C TRP A 362 -7.60 28.81 4.41
N HIS A 363 -6.68 29.58 3.82
CA HIS A 363 -6.17 30.77 4.51
C HIS A 363 -7.22 31.88 4.83
N PRO A 364 -8.34 31.94 4.09
CA PRO A 364 -9.39 32.89 4.51
C PRO A 364 -9.98 32.63 5.91
N LEU A 365 -9.82 31.42 6.46
CA LEU A 365 -10.22 31.14 7.85
C LEU A 365 -9.56 32.09 8.85
N LEU A 366 -8.35 32.54 8.55
CA LEU A 366 -7.55 33.31 9.51
C LEU A 366 -8.17 34.68 9.78
N PRO A 367 -8.25 35.05 11.08
CA PRO A 367 -8.79 36.34 11.51
C PRO A 367 -7.79 37.48 11.28
N ASP A 368 -8.20 38.73 11.54
CA ASP A 368 -7.28 39.87 11.40
C ASP A 368 -6.34 39.94 12.60
N THR A 369 -6.86 39.50 13.76
CA THR A 369 -6.10 39.39 14.99
C THR A 369 -6.49 38.12 15.72
N PHE A 370 -5.65 37.71 16.67
CA PHE A 370 -5.85 36.51 17.47
C PHE A 370 -6.19 36.96 18.86
N ASN A 371 -7.42 36.63 19.29
CA ASN A 371 -8.00 37.25 20.46
C ASN A 371 -8.07 36.30 21.64
N ILE A 372 -7.11 36.46 22.54
CA ILE A 372 -6.96 35.60 23.69
C ILE A 372 -7.11 36.45 24.94
N GLU A 373 -8.03 36.03 25.80
CA GLU A 373 -8.40 36.76 27.01
C GLU A 373 -8.78 38.20 26.66
N ASP A 374 -8.02 39.17 27.13
CA ASP A 374 -8.28 40.59 26.84
C ASP A 374 -7.43 41.11 25.68
N GLN A 375 -6.42 40.34 25.30
CA GLN A 375 -5.45 40.78 24.31
C GLN A 375 -5.89 40.47 22.89
N GLU A 376 -5.49 41.32 21.95
CA GLU A 376 -5.74 41.09 20.54
C GLU A 376 -4.41 41.14 19.80
N TYR A 377 -3.88 39.97 19.48
CA TYR A 377 -2.55 39.88 18.88
C TYR A 377 -2.57 39.97 17.36
N SER A 378 -1.64 40.76 16.81
CA SER A 378 -1.43 40.80 15.37
C SER A 378 -0.69 39.54 14.92
N PHE A 379 -0.69 39.29 13.61
CA PHE A 379 0.10 38.20 13.03
C PHE A 379 1.56 38.27 13.45
N LYS A 380 2.10 39.47 13.45
CA LYS A 380 3.50 39.70 13.82
C LYS A 380 3.76 39.36 15.29
N GLN A 381 2.77 39.63 16.15
CA GLN A 381 2.90 39.33 17.58
C GLN A 381 2.73 37.84 17.84
N PHE A 382 1.85 37.22 17.05
CA PHE A 382 1.42 35.84 17.26
C PHE A 382 2.42 34.82 16.75
N LEU A 383 3.00 35.07 15.58
CA LEU A 383 3.93 34.10 14.95
C LEU A 383 5.17 33.81 15.79
N TYR A 384 5.51 32.52 15.85
CA TYR A 384 6.67 31.99 16.59
CA TYR A 384 6.71 32.04 16.56
C TYR A 384 6.75 32.43 18.04
N ASN A 385 5.60 32.81 18.60
CA ASN A 385 5.57 33.32 19.97
C ASN A 385 4.85 32.42 20.97
N ASN A 386 5.53 31.37 21.41
CA ASN A 386 4.97 30.44 22.39
C ASN A 386 4.86 30.97 23.83
N SER A 387 5.48 32.12 24.11
CA SER A 387 5.31 32.74 25.42
C SER A 387 3.85 33.14 25.66
N ILE A 388 3.12 33.43 24.58
CA ILE A 388 1.67 33.70 24.63
C ILE A 388 0.93 32.48 25.18
N LEU A 389 1.30 31.28 24.72
CA LEU A 389 0.72 30.05 25.22
C LEU A 389 0.99 29.87 26.73
N LEU A 390 2.23 30.13 27.14
CA LEU A 390 2.59 30.04 28.55
C LEU A 390 1.94 31.11 29.43
N GLU A 391 1.88 32.36 28.95
CA GLU A 391 1.30 33.47 29.71
CA GLU A 391 1.30 33.47 29.71
C GLU A 391 -0.19 33.23 30.00
N HIS A 392 -0.95 32.87 28.97
CA HIS A 392 -2.39 32.68 29.12
C HIS A 392 -2.75 31.29 29.63
N GLY A 393 -1.99 30.30 29.22
CA GLY A 393 -2.29 28.92 29.56
C GLY A 393 -3.30 28.30 28.61
N LEU A 394 -3.36 26.97 28.64
CA LEU A 394 -4.15 26.19 27.72
C LEU A 394 -5.65 26.36 27.91
N THR A 395 -6.10 26.49 29.16
CA THR A 395 -7.51 26.71 29.48
C THR A 395 -8.07 27.96 28.79
N GLN A 396 -7.34 29.07 28.90
CA GLN A 396 -7.75 30.35 28.31
C GLN A 396 -7.72 30.31 26.78
N PHE A 397 -6.72 29.62 26.23
CA PHE A 397 -6.67 29.38 24.79
C PHE A 397 -7.95 28.72 24.31
N VAL A 398 -8.37 27.66 25.00
CA VAL A 398 -9.57 26.93 24.59
C VAL A 398 -10.80 27.83 24.69
N GLU A 399 -10.93 28.55 25.81
CA GLU A 399 -12.07 29.44 26.03
C GLU A 399 -12.13 30.58 25.00
N SER A 400 -10.98 31.19 24.71
CA SER A 400 -10.91 32.28 23.73
C SER A 400 -11.17 31.80 22.30
N PHE A 401 -10.51 30.72 21.89
CA PHE A 401 -10.62 30.26 20.51
C PHE A 401 -11.96 29.62 20.18
N THR A 402 -12.61 29.05 21.19
CA THR A 402 -13.98 28.56 21.07
C THR A 402 -14.95 29.72 20.74
N ARG A 403 -14.65 30.90 21.27
CA ARG A 403 -15.51 32.07 21.13
C ARG A 403 -15.19 32.92 19.91
N GLN A 404 -13.97 32.82 19.38
CA GLN A 404 -13.58 33.63 18.22
C GLN A 404 -13.95 33.03 16.84
N ILE A 405 -14.70 33.81 16.06
CA ILE A 405 -15.14 33.34 14.76
C ILE A 405 -14.03 33.37 13.68
N ALA A 406 -14.07 32.37 12.80
CA ALA A 406 -13.20 32.26 11.64
C ALA A 406 -13.82 32.91 10.41
N GLY A 407 -13.00 33.10 9.37
CA GLY A 407 -13.44 33.71 8.13
C GLY A 407 -14.11 32.72 7.19
N ARG A 408 -15.03 33.22 6.37
CA ARG A 408 -15.61 32.46 5.28
C ARG A 408 -14.54 32.15 4.23
N VAL A 409 -14.56 30.93 3.69
CA VAL A 409 -13.56 30.50 2.69
C VAL A 409 -13.97 30.78 1.23
N ALA A 410 -15.16 30.35 0.83
CA ALA A 410 -15.69 30.70 -0.48
C ALA A 410 -16.27 32.12 -0.47
N GLY A 411 -16.80 32.57 -1.61
CA GLY A 411 -17.46 33.88 -1.69
C GLY A 411 -16.57 35.07 -2.03
N GLY A 412 -15.26 34.84 -2.08
CA GLY A 412 -14.32 35.84 -2.57
C GLY A 412 -13.76 36.79 -1.53
N ARG A 413 -12.62 37.41 -1.88
CA ARG A 413 -12.05 38.54 -1.16
C ARG A 413 -11.97 38.39 0.37
N ASN A 414 -11.37 37.30 0.82
CA ASN A 414 -11.26 37.11 2.26
C ASN A 414 -9.92 36.54 2.76
N VAL A 415 -8.90 36.54 1.90
CA VAL A 415 -7.54 36.14 2.31
C VAL A 415 -6.86 37.31 3.01
N PRO A 416 -6.47 37.15 4.30
CA PRO A 416 -5.81 38.28 4.98
C PRO A 416 -4.47 38.60 4.34
N ILE A 417 -4.17 39.89 4.21
CA ILE A 417 -2.97 40.33 3.49
C ILE A 417 -1.65 39.85 4.09
N ALA A 418 -1.64 39.58 5.40
CA ALA A 418 -0.48 39.01 6.07
C ALA A 418 -0.03 37.68 5.44
N VAL A 419 -0.95 36.97 4.78
CA VAL A 419 -0.56 35.73 4.12
C VAL A 419 -0.70 35.77 2.61
N GLN A 420 -0.66 36.98 2.05
CA GLN A 420 -0.77 37.17 0.60
C GLN A 420 0.26 36.38 -0.20
N ALA A 421 1.48 36.25 0.33
CA ALA A 421 2.54 35.51 -0.35
C ALA A 421 2.22 34.00 -0.45
N VAL A 422 1.55 33.47 0.58
CA VAL A 422 1.12 32.06 0.58
C VAL A 422 0.05 31.80 -0.49
N ALA A 423 -0.96 32.67 -0.54
CA ALA A 423 -2.01 32.58 -1.56
C ALA A 423 -1.46 32.73 -2.98
N LYS A 424 -0.51 33.65 -3.20
CA LYS A 424 0.09 33.77 -4.53
C LYS A 424 0.86 32.50 -4.88
N ALA A 425 1.62 31.96 -3.92
CA ALA A 425 2.33 30.69 -4.10
C ALA A 425 1.39 29.54 -4.52
N SER A 426 0.20 29.49 -3.94
CA SER A 426 -0.79 28.47 -4.32
C SER A 426 -1.13 28.53 -5.80
N ILE A 427 -1.32 29.75 -6.32
CA ILE A 427 -1.57 29.94 -7.74
C ILE A 427 -0.34 29.61 -8.59
N ASP A 428 0.82 30.17 -8.23
CA ASP A 428 2.05 29.97 -8.99
C ASP A 428 2.44 28.48 -9.06
N GLN A 429 2.29 27.77 -7.95
CA GLN A 429 2.69 26.37 -7.88
C GLN A 429 1.73 25.43 -8.64
N SER A 430 0.43 25.72 -8.56
CA SER A 430 -0.59 25.10 -9.41
C SER A 430 -0.17 25.12 -10.87
N ARG A 431 0.27 26.30 -11.33
CA ARG A 431 0.72 26.51 -12.70
C ARG A 431 1.99 25.74 -12.97
N GLU A 432 2.90 25.78 -11.99
CA GLU A 432 4.16 25.10 -12.12
C GLU A 432 3.96 23.58 -12.26
N MET A 433 2.92 23.05 -11.59
CA MET A 433 2.57 21.62 -11.62
C MET A 433 1.62 21.27 -12.78
N LYS A 434 1.39 22.26 -13.65
CA LYS A 434 0.56 22.13 -14.86
C LYS A 434 -0.83 21.56 -14.60
N TYR A 435 -1.53 22.13 -13.62
CA TYR A 435 -2.91 21.78 -13.31
C TYR A 435 -3.82 22.07 -14.49
N GLN A 436 -4.70 21.13 -14.79
CA GLN A 436 -5.80 21.38 -15.70
C GLN A 436 -6.75 22.43 -15.08
N SER A 437 -7.68 22.91 -15.90
CA SER A 437 -8.59 24.00 -15.49
C SER A 437 -9.65 23.55 -14.49
N LEU A 438 -10.28 24.53 -13.84
CA LEU A 438 -11.43 24.32 -12.95
C LEU A 438 -12.49 23.42 -13.59
N ASN A 439 -12.93 23.76 -14.79
CA ASN A 439 -13.98 22.98 -15.46
C ASN A 439 -13.58 21.53 -15.78
N GLU A 440 -12.30 21.27 -16.00
CA GLU A 440 -11.83 19.87 -16.13
C GLU A 440 -11.96 19.12 -14.79
N TYR A 441 -11.61 19.78 -13.69
CA TYR A 441 -11.76 19.16 -12.35
C TYR A 441 -13.22 18.93 -12.01
N ARG A 442 -14.08 19.88 -12.41
CA ARG A 442 -15.51 19.72 -12.21
C ARG A 442 -16.04 18.48 -12.95
N LYS A 443 -15.68 18.34 -14.22
CA LYS A 443 -16.03 17.16 -15.00
C LYS A 443 -15.49 15.86 -14.37
N ARG A 444 -14.22 15.89 -13.95
CA ARG A 444 -13.57 14.75 -13.26
C ARG A 444 -14.37 14.26 -12.03
N PHE A 445 -15.04 15.19 -11.36
CA PHE A 445 -15.82 14.86 -10.15
C PHE A 445 -17.34 14.88 -10.37
N SER A 446 -17.77 14.61 -11.60
CA SER A 446 -19.20 14.50 -11.98
C SER A 446 -20.01 15.79 -11.79
N LEU A 447 -19.36 16.94 -11.96
CA LEU A 447 -20.07 18.21 -11.84
C LEU A 447 -20.23 18.83 -13.23
N LYS A 448 -21.27 19.64 -13.40
CA LYS A 448 -21.48 20.38 -14.64
C LYS A 448 -20.46 21.53 -14.74
N PRO A 449 -19.76 21.64 -15.89
CA PRO A 449 -18.88 22.79 -16.09
C PRO A 449 -19.64 24.10 -15.95
N TYR A 450 -19.00 25.12 -15.37
CA TYR A 450 -19.57 26.47 -15.34
C TYR A 450 -19.59 27.08 -16.74
N THR A 451 -20.71 27.72 -17.10
CA THR A 451 -20.86 28.30 -18.45
C THR A 451 -20.49 29.78 -18.52
N SER A 452 -20.30 30.40 -17.36
CA SER A 452 -19.89 31.81 -17.26
C SER A 452 -19.18 32.11 -15.94
N PHE A 453 -18.55 33.27 -15.86
CA PHE A 453 -17.91 33.70 -14.61
C PHE A 453 -18.95 34.12 -13.58
N GLU A 454 -20.06 34.71 -14.03
CA GLU A 454 -21.16 35.08 -13.15
C GLU A 454 -21.81 33.85 -12.50
N GLU A 455 -21.88 32.75 -13.24
CA GLU A 455 -22.40 31.48 -12.70
C GLU A 455 -21.50 30.97 -11.56
N LEU A 456 -20.18 31.10 -11.75
CA LEU A 456 -19.20 30.67 -10.74
C LEU A 456 -19.35 31.44 -9.43
N THR A 457 -19.38 32.77 -9.52
CA THR A 457 -19.35 33.61 -8.33
C THR A 457 -20.73 33.92 -7.77
N GLY A 458 -21.76 33.79 -8.61
CA GLY A 458 -23.14 34.13 -8.24
C GLY A 458 -23.31 35.63 -8.04
N GLU A 459 -22.51 36.40 -8.75
CA GLU A 459 -22.19 37.78 -8.40
C GLU A 459 -21.75 38.51 -9.69
N LYS A 460 -21.69 39.84 -9.68
CA LYS A 460 -21.34 40.59 -10.92
C LYS A 460 -19.92 41.18 -10.98
N GLU A 461 -19.49 41.82 -9.89
CA GLU A 461 -18.24 42.60 -9.84
C GLU A 461 -16.96 41.76 -9.98
N MET A 462 -16.83 40.71 -9.17
CA MET A 462 -15.67 39.82 -9.24
C MET A 462 -15.68 39.07 -10.56
N ALA A 463 -16.87 38.64 -10.97
CA ALA A 463 -17.06 37.96 -12.25
C ALA A 463 -16.52 38.78 -13.42
N ALA A 464 -16.81 40.08 -13.43
CA ALA A 464 -16.31 40.98 -14.45
C ALA A 464 -14.78 41.09 -14.42
N GLU A 465 -14.21 41.21 -13.23
CA GLU A 465 -12.74 41.26 -13.09
C GLU A 465 -12.10 39.96 -13.63
N LEU A 466 -12.76 38.83 -13.37
CA LEU A 466 -12.26 37.53 -13.80
C LEU A 466 -12.40 37.33 -15.31
N LYS A 467 -13.50 37.80 -15.88
CA LYS A 467 -13.68 37.71 -17.32
C LYS A 467 -12.61 38.50 -18.04
N ALA A 468 -12.31 39.70 -17.57
CA ALA A 468 -11.26 40.52 -18.17
C ALA A 468 -9.87 39.89 -18.02
N LEU A 469 -9.65 39.15 -16.93
CA LEU A 469 -8.36 38.52 -16.70
C LEU A 469 -8.17 37.19 -17.47
N TYR A 470 -9.20 36.34 -17.45
CA TYR A 470 -9.09 34.98 -18.00
C TYR A 470 -9.68 34.78 -19.41
N SER A 471 -10.58 35.68 -19.81
CA SER A 471 -11.30 35.63 -21.10
C SER A 471 -12.30 34.49 -21.27
N ASP A 472 -11.84 33.25 -21.09
CA ASP A 472 -12.69 32.08 -21.25
C ASP A 472 -12.90 31.37 -19.92
N ILE A 473 -14.16 31.08 -19.57
CA ILE A 473 -14.51 30.33 -18.36
C ILE A 473 -13.85 28.93 -18.30
N ASP A 474 -13.60 28.34 -19.47
CA ASP A 474 -12.93 27.04 -19.54
C ASP A 474 -11.42 27.07 -19.22
N VAL A 475 -10.85 28.25 -18.98
CA VAL A 475 -9.44 28.33 -18.51
C VAL A 475 -9.27 28.93 -17.09
N MET A 476 -10.39 29.21 -16.44
CA MET A 476 -10.38 29.55 -15.03
C MET A 476 -9.64 28.45 -14.26
N GLU A 477 -8.76 28.87 -13.36
CA GLU A 477 -7.93 27.96 -12.58
C GLU A 477 -8.66 27.47 -11.34
N LEU A 478 -8.29 26.28 -10.88
CA LEU A 478 -8.94 25.61 -9.76
C LEU A 478 -8.84 26.36 -8.44
N TYR A 479 -7.63 26.73 -8.01
CA TYR A 479 -7.47 27.29 -6.67
C TYR A 479 -8.21 28.63 -6.46
N PRO A 480 -7.99 29.61 -7.36
CA PRO A 480 -8.72 30.86 -7.15
C PRO A 480 -10.23 30.69 -7.25
N ALA A 481 -10.69 29.75 -8.09
CA ALA A 481 -12.12 29.47 -8.23
C ALA A 481 -12.76 29.00 -6.92
N LEU A 482 -12.04 28.18 -6.15
CA LEU A 482 -12.59 27.66 -4.88
C LEU A 482 -12.80 28.78 -3.86
N LEU A 483 -11.95 29.81 -3.92
CA LEU A 483 -12.07 30.92 -3.00
C LEU A 483 -13.02 32.03 -3.44
N VAL A 484 -13.40 32.06 -4.72
CA VAL A 484 -14.37 33.07 -5.22
C VAL A 484 -15.77 32.49 -5.45
N GLU A 485 -15.86 31.16 -5.42
CA GLU A 485 -17.08 30.42 -5.76
C GLU A 485 -18.28 30.85 -4.93
N LYS A 486 -19.44 30.94 -5.58
CA LYS A 486 -20.71 31.15 -4.90
C LYS A 486 -20.88 30.09 -3.80
N PRO A 487 -20.95 30.51 -2.53
CA PRO A 487 -21.13 29.51 -1.48
C PRO A 487 -22.54 28.94 -1.48
N ARG A 488 -22.68 27.70 -0.98
CA ARG A 488 -24.00 27.18 -0.60
C ARG A 488 -24.69 28.17 0.35
N PRO A 489 -26.03 28.12 0.46
CA PRO A 489 -26.73 29.14 1.26
C PRO A 489 -26.24 29.18 2.72
N ASP A 490 -25.74 30.34 3.13
CA ASP A 490 -25.16 30.58 4.48
C ASP A 490 -24.09 29.55 4.87
N ALA A 491 -23.28 29.14 3.90
CA ALA A 491 -22.28 28.11 4.10
C ALA A 491 -20.86 28.64 3.89
N ILE A 492 -19.87 27.89 4.39
CA ILE A 492 -18.48 28.30 4.30
C ILE A 492 -17.88 28.01 2.91
N PHE A 493 -18.39 26.97 2.24
CA PHE A 493 -17.86 26.51 0.95
C PHE A 493 -18.90 26.52 -0.16
N GLY A 494 -18.44 26.58 -1.40
CA GLY A 494 -19.29 26.30 -2.57
C GLY A 494 -19.21 24.83 -3.01
N GLU A 495 -19.96 24.48 -4.04
CA GLU A 495 -20.08 23.12 -4.56
C GLU A 495 -18.76 22.40 -4.83
N THR A 496 -17.82 23.11 -5.46
CA THR A 496 -16.59 22.48 -5.92
C THR A 496 -15.70 22.02 -4.77
N MET A 497 -15.64 22.82 -3.70
CA MET A 497 -14.85 22.48 -2.52
C MET A 497 -15.32 21.18 -1.87
N VAL A 498 -16.63 21.05 -1.71
CA VAL A 498 -17.23 19.90 -1.04
C VAL A 498 -17.16 18.64 -1.90
N GLU A 499 -17.47 18.78 -3.19
CA GLU A 499 -17.49 17.64 -4.10
C GLU A 499 -16.12 17.05 -4.43
N LEU A 500 -15.06 17.86 -4.35
CA LEU A 500 -13.69 17.35 -4.46
C LEU A 500 -13.19 16.91 -3.10
N GLY A 501 -13.44 17.73 -2.09
CA GLY A 501 -12.94 17.49 -0.73
C GLY A 501 -13.47 16.23 -0.06
N ALA A 502 -14.77 15.96 -0.25
CA ALA A 502 -15.43 14.80 0.39
C ALA A 502 -14.83 13.42 0.02
N PRO A 503 -14.70 13.10 -1.28
CA PRO A 503 -14.10 11.78 -1.60
C PRO A 503 -12.61 11.63 -1.20
N PHE A 504 -11.83 12.71 -1.25
CA PHE A 504 -10.44 12.67 -0.75
C PHE A 504 -10.41 12.41 0.77
N SER A 505 -11.32 13.07 1.49
CA SER A 505 -11.44 12.88 2.93
C SER A 505 -11.82 11.47 3.34
N LEU A 506 -12.81 10.88 2.66
CA LEU A 506 -13.26 9.48 2.89
C LEU A 506 -12.09 8.52 2.79
N LYS A 507 -11.30 8.67 1.73
CA LYS A 507 -10.14 7.83 1.50
C LYS A 507 -9.07 7.97 2.57
N VAL A 508 -8.74 9.20 2.96
CA VAL A 508 -7.69 9.36 3.96
C VAL A 508 -8.14 8.86 5.34
N LEU A 509 -9.45 8.90 5.60
CA LEU A 509 -9.95 8.47 6.90
C LEU A 509 -10.21 6.97 6.96
N MET A 510 -10.99 6.46 6.00
CA MET A 510 -11.39 5.06 6.02
C MET A 510 -10.33 4.13 5.42
N GLY A 511 -9.49 4.67 4.54
N GLY A 511 -9.47 4.64 4.53
CA GLY A 511 -8.39 3.92 3.92
CA GLY A 511 -8.42 3.81 3.93
C GLY A 511 -7.15 3.86 4.80
C GLY A 511 -7.40 3.27 4.93
N ASN A 512 -7.36 3.85 6.11
CA ASN A 512 -6.35 3.57 7.13
C ASN A 512 -6.43 2.07 7.52
N PRO A 513 -5.28 1.39 7.72
CA PRO A 513 -5.36 -0.02 8.07
C PRO A 513 -6.16 -0.31 9.35
N ILE A 514 -6.20 0.63 10.30
CA ILE A 514 -6.96 0.38 11.54
C ILE A 514 -8.47 0.21 11.28
N CYS A 515 -8.93 0.64 10.10
CA CYS A 515 -10.32 0.44 9.68
C CYS A 515 -10.60 -0.89 8.98
N SER A 516 -9.54 -1.65 8.70
CA SER A 516 -9.69 -2.95 8.04
C SER A 516 -10.14 -4.02 9.05
N PRO A 517 -10.84 -5.07 8.55
CA PRO A 517 -11.40 -6.09 9.44
C PRO A 517 -10.38 -6.75 10.38
N GLN A 518 -9.15 -6.97 9.93
CA GLN A 518 -8.15 -7.62 10.80
C GLN A 518 -7.59 -6.72 11.90
N TYR A 519 -7.72 -5.40 11.71
CA TYR A 519 -7.32 -4.43 12.75
C TYR A 519 -8.49 -3.97 13.64
N TRP A 520 -9.70 -3.88 13.09
CA TRP A 520 -10.84 -3.30 13.81
C TRP A 520 -11.44 -4.30 14.81
N LYS A 521 -10.69 -4.50 15.90
CA LYS A 521 -10.97 -5.51 16.94
C LYS A 521 -10.47 -4.94 18.25
N PRO A 522 -11.10 -5.31 19.38
CA PRO A 522 -10.65 -4.86 20.70
C PRO A 522 -9.18 -5.19 21.01
N SER A 523 -8.73 -6.40 20.69
CA SER A 523 -7.37 -6.84 20.99
C SER A 523 -6.28 -5.95 20.37
N THR A 524 -6.60 -5.33 19.23
CA THR A 524 -5.67 -4.42 18.56
C THR A 524 -5.31 -3.22 19.44
N PHE A 525 -6.26 -2.82 20.31
CA PHE A 525 -6.14 -1.63 21.15
C PHE A 525 -6.04 -1.95 22.65
N GLY A 526 -5.53 -3.13 22.98
CA GLY A 526 -5.28 -3.48 24.35
C GLY A 526 -6.52 -3.97 25.09
N GLY A 527 -7.58 -4.26 24.35
CA GLY A 527 -8.80 -4.81 24.92
C GLY A 527 -9.96 -3.85 24.79
N GLU A 528 -11.08 -4.21 25.43
CA GLU A 528 -12.30 -3.40 25.36
C GLU A 528 -12.11 -1.99 25.92
N VAL A 529 -11.30 -1.85 26.96
CA VAL A 529 -11.01 -0.53 27.54
C VAL A 529 -10.36 0.43 26.53
N GLY A 530 -9.36 -0.06 25.80
CA GLY A 530 -8.71 0.71 24.73
C GLY A 530 -9.64 1.02 23.58
N PHE A 531 -10.38 0.01 23.13
CA PHE A 531 -11.33 0.15 22.03
C PHE A 531 -12.39 1.23 22.29
N LYS A 532 -12.87 1.29 23.54
CA LYS A 532 -13.87 2.26 23.96
C LYS A 532 -13.34 3.71 23.94
N ILE A 533 -12.05 3.89 24.16
CA ILE A 533 -11.46 5.23 24.07
C ILE A 533 -11.64 5.80 22.66
N ILE A 534 -11.40 4.96 21.65
CA ILE A 534 -11.66 5.35 20.25
C ILE A 534 -13.14 5.69 20.02
N ASN A 535 -14.03 4.76 20.38
CA ASN A 535 -15.44 4.84 19.99
C ASN A 535 -16.30 5.84 20.78
N THR A 536 -15.70 6.47 21.79
CA THR A 536 -16.36 7.54 22.55
C THR A 536 -15.62 8.87 22.44
N ALA A 537 -14.53 8.92 21.67
CA ALA A 537 -13.74 10.14 21.52
C ALA A 537 -14.57 11.26 20.91
N SER A 538 -14.33 12.48 21.37
CA SER A 538 -14.94 13.69 20.82
C SER A 538 -14.01 14.86 21.07
N ILE A 539 -14.19 15.96 20.33
CA ILE A 539 -13.40 17.17 20.55
C ILE A 539 -13.62 17.70 21.99
N GLN A 540 -14.84 17.57 22.50
CA GLN A 540 -15.12 17.95 23.90
C GLN A 540 -14.35 17.11 24.91
N SER A 541 -14.35 15.78 24.73
CA SER A 541 -13.67 14.91 25.70
C SER A 541 -12.13 15.05 25.63
N LEU A 542 -11.61 15.29 24.42
CA LEU A 542 -10.16 15.55 24.23
C LEU A 542 -9.68 16.72 25.10
N ILE A 543 -10.46 17.80 25.06
CA ILE A 543 -10.21 18.98 25.86
C ILE A 543 -10.52 18.71 27.34
N CYS A 544 -11.66 18.07 27.62
CA CYS A 544 -12.04 17.79 29.01
C CYS A 544 -11.04 16.93 29.75
N ASN A 545 -10.50 15.93 29.07
CA ASN A 545 -9.53 15.02 29.64
C ASN A 545 -8.14 15.61 29.85
N ASN A 546 -7.77 16.62 29.05
CA ASN A 546 -6.39 17.06 28.99
C ASN A 546 -6.15 18.54 29.30
N VAL A 547 -7.21 19.30 29.51
CA VAL A 547 -7.08 20.73 29.79
C VAL A 547 -7.66 21.02 31.17
N LYS A 548 -6.89 21.73 32.00
CA LYS A 548 -7.28 22.04 33.38
C LYS A 548 -8.62 22.81 33.41
N GLY A 549 -9.50 22.41 34.33
CA GLY A 549 -10.83 23.01 34.47
C GLY A 549 -11.91 22.44 33.55
N CYS A 550 -11.51 21.55 32.63
CA CYS A 550 -12.40 20.98 31.61
C CYS A 550 -13.34 22.04 30.98
N PRO A 551 -12.77 23.01 30.24
CA PRO A 551 -13.61 24.05 29.65
C PRO A 551 -14.48 23.50 28.53
N PHE A 552 -15.66 24.08 28.34
CA PHE A 552 -16.50 23.73 27.21
C PHE A 552 -15.78 24.10 25.90
N THR A 553 -15.89 23.23 24.90
CA THR A 553 -15.43 23.58 23.56
C THR A 553 -16.27 22.94 22.47
N SER A 554 -16.09 23.43 21.25
CA SER A 554 -16.66 22.84 20.04
C SER A 554 -16.06 23.58 18.84
N PHE A 555 -16.47 23.20 17.64
CA PHE A 555 -15.94 23.83 16.43
C PHE A 555 -16.79 25.02 15.96
N ASN A 556 -17.89 25.28 16.66
CA ASN A 556 -18.83 26.34 16.34
CA ASN A 556 -18.77 26.38 16.31
C ASN A 556 -18.89 27.38 17.46
N VAL A 557 -19.04 28.66 17.11
CA VAL A 557 -19.28 29.70 18.10
C VAL A 557 -20.74 29.60 18.54
N HIS B 7 6.44 -16.33 32.59
CA HIS B 7 6.49 -16.16 31.10
C HIS B 7 5.19 -15.58 30.54
N HIS B 8 5.23 -15.14 29.29
CA HIS B 8 4.05 -14.59 28.59
C HIS B 8 2.88 -15.58 28.67
N PRO B 9 1.68 -15.09 29.07
CA PRO B 9 0.51 -15.98 29.20
C PRO B 9 0.02 -16.62 27.90
N CYS B 10 0.43 -16.08 26.75
CA CYS B 10 0.02 -16.61 25.44
C CYS B 10 1.02 -17.62 24.86
N CYS B 11 2.03 -17.98 25.63
CA CYS B 11 3.08 -18.90 25.17
C CYS B 11 2.56 -20.23 24.63
N SER B 12 1.46 -20.72 25.18
CA SER B 12 0.91 -22.03 24.78
C SER B 12 0.01 -21.97 23.54
N ASN B 13 -0.10 -20.78 22.94
CA ASN B 13 -1.03 -20.50 21.83
C ASN B 13 -2.45 -21.02 22.10
N PRO B 14 -3.08 -20.54 23.18
CA PRO B 14 -4.37 -21.11 23.59
C PRO B 14 -5.55 -20.76 22.68
N CYS B 15 -5.50 -19.61 22.01
CA CYS B 15 -6.62 -19.15 21.18
C CYS B 15 -6.65 -19.89 19.84
N GLN B 16 -7.78 -20.53 19.55
CA GLN B 16 -7.95 -21.31 18.33
C GLN B 16 -8.71 -20.55 17.25
N ASN B 17 -8.65 -21.06 16.02
CA ASN B 17 -9.49 -20.61 14.91
C ASN B 17 -9.29 -19.14 14.55
N ARG B 18 -8.02 -18.69 14.56
CA ARG B 18 -7.63 -17.32 14.26
C ARG B 18 -8.11 -16.28 15.28
N GLY B 19 -8.45 -16.74 16.49
CA GLY B 19 -8.69 -15.86 17.63
C GLY B 19 -7.37 -15.22 18.03
N GLU B 20 -7.42 -13.99 18.54
CA GLU B 20 -6.19 -13.31 18.93
C GLU B 20 -5.99 -13.33 20.42
N CYS B 21 -4.78 -13.66 20.84
CA CYS B 21 -4.43 -13.78 22.25
C CYS B 21 -3.76 -12.50 22.75
N MET B 22 -4.21 -12.00 23.89
CA MET B 22 -3.49 -10.92 24.58
C MET B 22 -3.46 -11.22 26.08
N SER B 23 -2.38 -10.83 26.74
CA SER B 23 -2.27 -11.00 28.18
C SER B 23 -3.17 -10.01 28.90
N THR B 24 -3.71 -10.42 30.04
CA THR B 24 -4.54 -9.55 30.89
C THR B 24 -4.06 -9.61 32.34
N GLY B 25 -2.76 -9.40 32.55
CA GLY B 25 -2.12 -9.64 33.83
C GLY B 25 -0.90 -10.51 33.60
N PHE B 26 -0.15 -10.77 34.68
CA PHE B 26 1.06 -11.60 34.57
C PHE B 26 0.78 -13.07 34.26
N ASP B 27 -0.37 -13.56 34.73
CA ASP B 27 -0.70 -14.98 34.70
C ASP B 27 -1.87 -15.35 33.79
N GLN B 28 -2.52 -14.35 33.20
CA GLN B 28 -3.81 -14.55 32.52
C GLN B 28 -3.83 -14.01 31.07
N TYR B 29 -4.67 -14.64 30.24
CA TYR B 29 -4.87 -14.22 28.85
C TYR B 29 -6.36 -14.11 28.56
N LYS B 30 -6.66 -13.47 27.43
CA LYS B 30 -8.02 -13.32 26.91
C LYS B 30 -7.96 -13.53 25.39
N CYS B 31 -8.91 -14.28 24.83
CA CYS B 31 -8.97 -14.49 23.39
C CYS B 31 -10.00 -13.56 22.76
N ASP B 32 -9.59 -12.86 21.70
CA ASP B 32 -10.49 -12.03 20.92
C ASP B 32 -11.01 -12.87 19.76
N CYS B 33 -12.28 -13.25 19.86
CA CYS B 33 -12.92 -14.14 18.88
C CYS B 33 -13.69 -13.42 17.76
N THR B 34 -13.49 -12.10 17.63
CA THR B 34 -14.18 -11.29 16.61
C THR B 34 -14.07 -11.88 15.19
N ARG B 35 -15.22 -12.11 14.58
CA ARG B 35 -15.34 -12.59 13.19
C ARG B 35 -14.69 -13.95 12.87
N THR B 36 -14.40 -14.75 13.90
CA THR B 36 -13.84 -16.09 13.69
C THR B 36 -14.93 -17.12 13.40
N GLY B 37 -16.16 -16.83 13.84
CA GLY B 37 -17.26 -17.77 13.72
C GLY B 37 -17.31 -18.69 14.92
N PHE B 38 -16.41 -18.44 15.86
CA PHE B 38 -16.32 -19.19 17.10
C PHE B 38 -16.42 -18.22 18.28
N TYR B 39 -16.75 -18.75 19.44
CA TYR B 39 -16.72 -18.00 20.68
C TYR B 39 -16.27 -18.91 21.82
N GLY B 40 -16.24 -18.37 23.04
CA GLY B 40 -15.77 -19.10 24.21
C GLY B 40 -14.35 -18.69 24.59
N GLU B 41 -13.89 -19.18 25.72
CA GLU B 41 -12.58 -18.82 26.28
C GLU B 41 -11.41 -18.97 25.27
N ASN B 42 -11.46 -20.01 24.43
CA ASN B 42 -10.39 -20.28 23.48
C ASN B 42 -10.86 -20.26 22.02
N CYS B 43 -12.01 -19.64 21.78
CA CYS B 43 -12.66 -19.57 20.46
C CYS B 43 -12.83 -20.96 19.83
N THR B 44 -13.39 -21.91 20.58
CA THR B 44 -13.58 -23.28 20.10
C THR B 44 -15.04 -23.71 19.96
N THR B 45 -15.97 -22.90 20.48
CA THR B 45 -17.39 -23.20 20.35
C THR B 45 -17.96 -22.57 19.09
N PRO B 46 -18.32 -23.40 18.09
CA PRO B 46 -18.75 -22.87 16.81
C PRO B 46 -20.16 -22.28 16.86
N GLU B 47 -20.37 -21.18 16.14
CA GLU B 47 -21.71 -20.63 15.93
C GLU B 47 -22.46 -21.55 14.97
N PHE B 48 -23.79 -21.48 14.98
CA PHE B 48 -24.59 -22.44 14.24
C PHE B 48 -24.28 -22.48 12.73
N LEU B 49 -24.07 -21.30 12.13
CA LEU B 49 -23.75 -21.21 10.72
C LEU B 49 -22.37 -21.82 10.40
N THR B 50 -21.45 -21.74 11.37
CA THR B 50 -20.11 -22.33 11.26
C THR B 50 -20.17 -23.86 11.25
N ARG B 51 -21.10 -24.42 12.04
CA ARG B 51 -21.36 -25.86 12.03
C ARG B 51 -21.78 -26.31 10.63
N ILE B 52 -22.74 -25.60 10.03
CA ILE B 52 -23.23 -25.89 8.69
C ILE B 52 -22.11 -25.76 7.64
N LYS B 53 -21.28 -24.72 7.78
CA LYS B 53 -20.12 -24.51 6.92
C LYS B 53 -19.09 -25.64 7.04
N LEU B 54 -18.83 -26.08 8.28
CA LEU B 54 -17.85 -27.14 8.53
C LEU B 54 -18.32 -28.54 8.11
N LEU B 55 -19.61 -28.68 7.79
CA LEU B 55 -20.14 -29.93 7.23
C LEU B 55 -19.91 -30.02 5.73
N LEU B 56 -20.26 -28.95 5.02
CA LEU B 56 -20.21 -28.91 3.55
C LEU B 56 -18.86 -28.42 2.99
N LYS B 57 -17.82 -28.40 3.82
CA LYS B 57 -16.49 -27.98 3.39
C LYS B 57 -15.59 -29.18 3.08
N PRO B 58 -15.29 -29.41 1.80
CA PRO B 58 -14.39 -30.52 1.44
C PRO B 58 -12.96 -30.25 1.90
N THR B 59 -12.19 -31.31 2.14
CA THR B 59 -10.78 -31.18 2.56
C THR B 59 -9.92 -30.77 1.36
N PRO B 60 -8.73 -30.19 1.61
CA PRO B 60 -7.80 -29.90 0.52
C PRO B 60 -7.43 -31.14 -0.33
N ASN B 61 -7.22 -32.28 0.32
CA ASN B 61 -6.91 -33.52 -0.39
C ASN B 61 -8.02 -34.01 -1.33
N THR B 62 -9.27 -33.76 -0.94
CA THR B 62 -10.44 -34.10 -1.76
C THR B 62 -10.48 -33.24 -3.02
N VAL B 63 -10.36 -31.92 -2.83
CA VAL B 63 -10.35 -30.98 -3.95
C VAL B 63 -9.18 -31.25 -4.90
N HIS B 64 -8.01 -31.56 -4.34
CA HIS B 64 -6.85 -31.94 -5.14
C HIS B 64 -7.12 -33.19 -5.97
N TYR B 65 -7.82 -34.16 -5.38
CA TYR B 65 -8.20 -35.38 -6.10
C TYR B 65 -9.14 -35.08 -7.28
N ILE B 66 -10.18 -34.29 -7.04
CA ILE B 66 -11.13 -33.90 -8.08
C ILE B 66 -10.42 -33.18 -9.23
N LEU B 67 -9.53 -32.24 -8.88
CA LEU B 67 -8.80 -31.45 -9.87
C LEU B 67 -7.75 -32.24 -10.67
N THR B 68 -7.26 -33.35 -10.11
CA THR B 68 -6.24 -34.17 -10.78
C THR B 68 -6.79 -35.49 -11.36
N HIS B 69 -8.13 -35.60 -11.39
CA HIS B 69 -8.79 -36.76 -12.00
C HIS B 69 -9.88 -36.27 -12.94
N PHE B 70 -10.61 -37.21 -13.55
CA PHE B 70 -11.69 -36.90 -14.50
C PHE B 70 -11.21 -36.05 -15.66
N LYS B 71 -10.05 -36.42 -16.23
CA LYS B 71 -9.39 -35.65 -17.28
C LYS B 71 -10.33 -35.29 -18.44
N GLY B 72 -11.22 -36.23 -18.77
CA GLY B 72 -12.19 -36.06 -19.86
C GLY B 72 -13.24 -34.99 -19.59
N VAL B 73 -13.65 -34.87 -18.34
CA VAL B 73 -14.58 -33.82 -17.90
C VAL B 73 -13.91 -32.44 -17.93
N TRP B 74 -12.68 -32.36 -17.40
CA TRP B 74 -11.94 -31.08 -17.41
C TRP B 74 -11.65 -30.63 -18.82
N ASN B 75 -11.37 -31.58 -19.71
CA ASN B 75 -11.16 -31.30 -21.14
C ASN B 75 -12.34 -30.53 -21.75
N ILE B 76 -13.56 -30.98 -21.46
CA ILE B 76 -14.78 -30.28 -21.88
C ILE B 76 -14.88 -28.91 -21.20
N VAL B 77 -14.82 -28.90 -19.87
CA VAL B 77 -14.89 -27.66 -19.07
C VAL B 77 -13.94 -26.57 -19.57
N ASN B 78 -12.69 -26.97 -19.87
CA ASN B 78 -11.66 -26.07 -20.40
C ASN B 78 -12.04 -25.41 -21.73
N ASN B 79 -12.97 -26.02 -22.46
CA ASN B 79 -13.42 -25.51 -23.75
C ASN B 79 -14.77 -24.79 -23.70
N ILE B 80 -15.28 -24.57 -22.49
CA ILE B 80 -16.46 -23.74 -22.29
C ILE B 80 -16.04 -22.49 -21.51
N PRO B 81 -15.74 -21.39 -22.23
CA PRO B 81 -15.17 -20.17 -21.63
C PRO B 81 -15.96 -19.69 -20.41
N PHE B 82 -17.28 -19.86 -20.43
CA PHE B 82 -18.12 -19.46 -19.32
C PHE B 82 -17.88 -20.31 -18.06
N LEU B 83 -17.71 -21.63 -18.25
CA LEU B 83 -17.47 -22.54 -17.13
C LEU B 83 -16.06 -22.39 -16.56
N ARG B 84 -15.10 -22.17 -17.47
CA ARG B 84 -13.71 -21.95 -17.09
C ARG B 84 -13.54 -20.68 -16.25
N SER B 85 -14.22 -19.61 -16.64
CA SER B 85 -14.21 -18.34 -15.90
C SER B 85 -14.80 -18.53 -14.51
N LEU B 86 -15.92 -19.26 -14.45
CA LEU B 86 -16.59 -19.56 -13.19
C LEU B 86 -15.69 -20.32 -12.23
N ILE B 87 -15.07 -21.41 -12.72
CA ILE B 87 -14.17 -22.24 -11.92
C ILE B 87 -12.96 -21.42 -11.46
N MET B 88 -12.36 -20.67 -12.38
CA MET B 88 -11.19 -19.85 -12.06
C MET B 88 -11.52 -18.75 -11.03
N LYS B 89 -12.70 -18.14 -11.15
CA LYS B 89 -13.17 -17.16 -10.17
C LYS B 89 -13.25 -17.79 -8.77
N TYR B 90 -13.71 -19.03 -8.70
CA TYR B 90 -13.78 -19.78 -7.43
C TYR B 90 -12.39 -20.10 -6.86
N VAL B 91 -11.49 -20.55 -7.74
CA VAL B 91 -10.09 -20.84 -7.38
C VAL B 91 -9.43 -19.61 -6.76
N LEU B 92 -9.68 -18.45 -7.36
CA LEU B 92 -9.15 -17.19 -6.85
C LEU B 92 -9.72 -16.82 -5.48
N THR B 93 -11.06 -16.85 -5.36
CA THR B 93 -11.73 -16.33 -4.16
C THR B 93 -11.70 -17.26 -2.94
N SER B 94 -11.58 -18.57 -3.17
CA SER B 94 -11.51 -19.53 -2.06
C SER B 94 -10.25 -19.36 -1.21
N ARG B 95 -9.14 -19.01 -1.87
CA ARG B 95 -7.85 -18.77 -1.22
C ARG B 95 -7.83 -17.46 -0.43
N SER B 96 -8.60 -16.49 -0.90
CA SER B 96 -8.52 -15.07 -0.50
C SER B 96 -8.42 -14.77 1.00
N TYR B 97 -9.38 -15.27 1.77
CA TYR B 97 -9.54 -14.90 3.19
C TYR B 97 -8.36 -15.29 4.10
N LEU B 98 -7.43 -16.12 3.60
CA LEU B 98 -6.39 -16.69 4.43
C LEU B 98 -5.22 -15.77 4.73
N ILE B 99 -5.07 -14.69 3.96
CA ILE B 99 -3.91 -13.80 4.10
C ILE B 99 -4.30 -12.42 4.66
N ASP B 100 -3.67 -12.01 5.76
CA ASP B 100 -3.89 -10.68 6.33
C ASP B 100 -3.43 -9.58 5.37
N SER B 101 -4.37 -8.76 4.90
CA SER B 101 -4.06 -7.67 3.97
C SER B 101 -5.07 -6.51 4.16
N PRO B 102 -4.62 -5.36 4.72
CA PRO B 102 -3.28 -4.95 5.15
C PRO B 102 -2.60 -5.94 6.12
N PRO B 103 -1.25 -6.01 6.06
CA PRO B 103 -0.48 -6.97 6.88
C PRO B 103 -0.45 -6.60 8.36
N THR B 104 -0.06 -7.57 9.19
CA THR B 104 -0.11 -7.42 10.63
C THR B 104 1.27 -7.60 11.29
N TYR B 105 1.63 -8.84 11.64
CA TYR B 105 2.80 -9.09 12.49
C TYR B 105 4.12 -9.08 11.74
N ASN B 106 5.22 -8.96 12.49
CA ASN B 106 6.56 -9.23 11.97
C ASN B 106 7.50 -9.82 13.06
N VAL B 107 8.79 -10.03 12.74
CA VAL B 107 9.73 -10.64 13.69
C VAL B 107 9.79 -9.94 15.07
N HIS B 108 9.59 -8.62 15.08
CA HIS B 108 9.66 -7.83 16.31
C HIS B 108 8.31 -7.52 16.94
N TYR B 109 7.23 -7.77 16.22
CA TYR B 109 5.91 -7.41 16.72
C TYR B 109 4.95 -8.60 16.67
N GLY B 110 4.74 -9.20 17.83
CA GLY B 110 3.73 -10.25 18.03
C GLY B 110 2.33 -9.69 18.28
N TYR B 111 2.22 -8.36 18.24
CA TYR B 111 0.95 -7.65 18.35
C TYR B 111 0.94 -6.60 17.23
N LYS B 112 -0.24 -6.21 16.76
CA LYS B 112 -0.37 -5.19 15.72
C LYS B 112 0.17 -3.85 16.20
N SER B 113 0.95 -3.19 15.34
CA SER B 113 1.51 -1.86 15.67
C SER B 113 1.70 -1.04 14.40
N TRP B 114 1.73 0.28 14.55
CA TRP B 114 1.94 1.13 13.40
C TRP B 114 3.33 0.88 12.82
N GLU B 115 4.29 0.57 13.70
CA GLU B 115 5.64 0.26 13.24
C GLU B 115 5.62 -0.96 12.33
N ALA B 116 4.96 -2.04 12.76
CA ALA B 116 4.85 -3.24 11.92
C ALA B 116 4.10 -2.98 10.61
N PHE B 117 3.03 -2.19 10.65
CA PHE B 117 2.30 -1.87 9.43
C PHE B 117 3.15 -1.04 8.44
N SER B 118 3.80 0.00 8.95
CA SER B 118 4.39 1.02 8.08
C SER B 118 5.81 0.74 7.61
N ASN B 119 6.53 -0.14 8.29
CA ASN B 119 7.96 -0.31 8.00
C ASN B 119 8.19 -1.40 6.95
N LEU B 120 8.47 -0.95 5.72
CA LEU B 120 8.59 -1.84 4.57
C LEU B 120 9.84 -2.72 4.58
N SER B 121 10.80 -2.39 5.43
CA SER B 121 12.03 -3.18 5.52
C SER B 121 11.85 -4.56 6.14
N TYR B 122 10.75 -4.76 6.88
CA TYR B 122 10.38 -6.06 7.42
C TYR B 122 9.64 -6.97 6.43
N TYR B 123 9.95 -8.26 6.48
CA TYR B 123 9.04 -9.25 5.98
C TYR B 123 7.88 -9.26 6.98
N THR B 124 6.67 -9.47 6.49
CA THR B 124 5.55 -9.62 7.40
C THR B 124 5.50 -11.08 7.91
N ARG B 125 4.57 -11.37 8.81
CA ARG B 125 4.45 -12.71 9.40
C ARG B 125 3.00 -13.18 9.42
N ALA B 126 2.78 -14.37 8.88
CA ALA B 126 1.47 -15.02 8.87
C ALA B 126 1.10 -15.50 10.27
N LEU B 127 2.11 -15.84 11.06
CA LEU B 127 1.91 -16.09 12.49
C LEU B 127 2.92 -15.26 13.28
N PRO B 128 2.47 -14.66 14.40
CA PRO B 128 3.38 -13.87 15.23
C PRO B 128 4.46 -14.78 15.83
N PRO B 129 5.66 -14.23 16.09
CA PRO B 129 6.75 -14.98 16.72
C PRO B 129 6.41 -15.46 18.13
N VAL B 130 7.00 -16.60 18.52
CA VAL B 130 6.93 -17.10 19.87
C VAL B 130 7.62 -16.07 20.76
N ALA B 131 6.98 -15.71 21.87
CA ALA B 131 7.48 -14.64 22.74
C ALA B 131 8.82 -15.04 23.37
N ASP B 132 9.64 -14.02 23.65
CA ASP B 132 11.04 -14.22 24.05
C ASP B 132 11.22 -14.97 25.36
N ASP B 133 10.29 -14.82 26.30
CA ASP B 133 10.42 -15.43 27.63
C ASP B 133 9.75 -16.80 27.77
N CYS B 134 9.22 -17.34 26.68
CA CYS B 134 8.54 -18.64 26.70
C CYS B 134 9.48 -19.75 27.18
N PRO B 135 8.98 -20.67 28.02
CA PRO B 135 9.87 -21.69 28.63
C PRO B 135 10.48 -22.65 27.62
N THR B 136 9.90 -22.70 26.43
CA THR B 136 10.22 -23.67 25.41
C THR B 136 10.30 -22.97 24.05
N PRO B 137 11.17 -23.45 23.12
CA PRO B 137 11.29 -22.80 21.81
C PRO B 137 9.97 -22.65 21.06
N MET B 138 9.09 -23.65 21.17
CA MET B 138 7.78 -23.61 20.50
C MET B 138 6.66 -23.03 21.37
N GLY B 139 6.98 -22.71 22.62
CA GLY B 139 6.02 -22.14 23.55
C GLY B 139 6.07 -22.79 24.92
N VAL B 140 5.32 -23.88 25.09
CA VAL B 140 5.34 -24.65 26.34
C VAL B 140 5.61 -26.14 26.11
N LYS B 141 5.38 -26.62 24.89
CA LYS B 141 5.54 -28.03 24.56
C LYS B 141 6.98 -28.37 24.19
N GLY B 142 7.39 -29.62 24.42
CA GLY B 142 8.70 -30.09 23.97
C GLY B 142 9.81 -29.86 24.98
N ASN B 143 11.04 -30.16 24.57
CA ASN B 143 12.21 -30.02 25.44
C ASN B 143 12.70 -28.56 25.50
N LYS B 144 13.56 -28.26 26.48
CA LYS B 144 14.10 -26.91 26.66
C LYS B 144 14.85 -26.40 25.43
N GLU B 145 15.43 -27.31 24.67
CA GLU B 145 16.12 -26.97 23.42
C GLU B 145 15.63 -27.86 22.28
N LEU B 146 15.53 -27.28 21.08
CA LEU B 146 15.21 -28.04 19.88
C LEU B 146 16.37 -28.95 19.51
N PRO B 147 16.12 -30.03 18.76
CA PRO B 147 17.24 -30.89 18.36
C PRO B 147 18.28 -30.11 17.53
N ASP B 148 19.54 -30.54 17.61
CA ASP B 148 20.62 -30.03 16.80
C ASP B 148 20.20 -30.03 15.31
N SER B 149 20.30 -28.87 14.68
CA SER B 149 19.86 -28.73 13.28
C SER B 149 20.74 -29.55 12.34
N LYS B 150 22.01 -29.73 12.70
CA LYS B 150 22.91 -30.64 11.97
C LYS B 150 22.38 -32.08 11.98
N GLU B 151 21.89 -32.56 13.12
CA GLU B 151 21.30 -33.90 13.20
C GLU B 151 20.04 -34.01 12.34
N VAL B 152 19.18 -32.99 12.38
CA VAL B 152 17.97 -32.95 11.55
C VAL B 152 18.33 -32.98 10.07
N LEU B 153 19.26 -32.11 9.67
CA LEU B 153 19.76 -32.04 8.30
C LEU B 153 20.27 -33.41 7.82
N GLU B 154 21.23 -33.98 8.54
CA GLU B 154 21.89 -35.22 8.13
C GLU B 154 20.98 -36.43 8.09
N LYS B 155 20.11 -36.56 9.09
CA LYS B 155 19.23 -37.72 9.21
C LYS B 155 18.09 -37.78 8.18
N VAL B 156 17.44 -36.65 7.90
CA VAL B 156 16.22 -36.69 7.08
C VAL B 156 16.19 -35.77 5.84
N LEU B 157 17.19 -34.91 5.68
CA LEU B 157 17.16 -33.94 4.57
C LEU B 157 18.20 -34.16 3.47
N LEU B 158 19.40 -34.61 3.82
CA LEU B 158 20.47 -34.73 2.83
C LEU B 158 20.23 -35.83 1.79
N ARG B 159 20.56 -35.52 0.53
CA ARG B 159 20.43 -36.46 -0.59
C ARG B 159 21.37 -37.65 -0.44
N ARG B 160 20.81 -38.85 -0.47
CA ARG B 160 21.63 -40.04 -0.64
C ARG B 160 21.80 -40.21 -2.14
N GLU B 161 20.87 -40.89 -2.80
CA GLU B 161 20.79 -40.77 -4.26
C GLU B 161 19.71 -39.79 -4.70
N PHE B 162 19.89 -39.27 -5.91
CA PHE B 162 18.99 -38.29 -6.50
C PHE B 162 17.57 -38.85 -6.66
N ILE B 163 16.59 -38.07 -6.23
CA ILE B 163 15.18 -38.44 -6.38
C ILE B 163 14.54 -37.50 -7.39
N PRO B 164 14.27 -38.00 -8.63
CA PRO B 164 13.72 -37.11 -9.66
C PRO B 164 12.29 -36.71 -9.30
N ASP B 165 11.86 -35.53 -9.75
CA ASP B 165 10.49 -35.11 -9.55
C ASP B 165 9.58 -35.97 -10.43
N PRO B 166 8.60 -36.67 -9.82
CA PRO B 166 7.67 -37.50 -10.60
C PRO B 166 6.75 -36.67 -11.53
N GLN B 167 6.57 -35.39 -11.23
CA GLN B 167 5.82 -34.47 -12.11
C GLN B 167 6.62 -33.99 -13.34
N GLY B 168 7.88 -34.40 -13.44
CA GLY B 168 8.72 -34.08 -14.59
C GLY B 168 9.28 -32.66 -14.69
N SER B 169 9.27 -31.91 -13.59
CA SER B 169 9.89 -30.58 -13.57
C SER B 169 11.33 -30.61 -14.11
N ASN B 170 11.66 -29.63 -14.94
CA ASN B 170 12.98 -29.54 -15.55
C ASN B 170 13.82 -28.38 -14.99
N MET B 171 14.97 -28.12 -15.62
CA MET B 171 15.87 -27.09 -15.13
C MET B 171 15.41 -25.70 -15.58
N MET B 172 14.67 -25.66 -16.70
CA MET B 172 13.97 -24.42 -17.07
C MET B 172 13.04 -23.99 -15.93
N PHE B 173 12.33 -24.94 -15.34
CA PHE B 173 11.44 -24.63 -14.22
C PHE B 173 12.22 -24.20 -12.97
N ALA B 174 13.23 -24.98 -12.61
CA ALA B 174 14.05 -24.72 -11.43
C ALA B 174 14.67 -23.32 -11.45
N PHE B 175 15.26 -22.95 -12.58
CA PHE B 175 15.87 -21.63 -12.69
C PHE B 175 14.84 -20.52 -12.84
N PHE B 176 13.68 -20.81 -13.45
CA PHE B 176 12.63 -19.81 -13.49
C PHE B 176 12.14 -19.51 -12.07
N ALA B 177 11.96 -20.55 -11.28
CA ALA B 177 11.56 -20.38 -9.88
C ALA B 177 12.56 -19.50 -9.11
N GLN B 178 13.85 -19.77 -9.28
CA GLN B 178 14.89 -19.01 -8.61
C GLN B 178 14.91 -17.55 -9.09
N HIS B 179 14.90 -17.35 -10.40
CA HIS B 179 14.94 -16.01 -10.98
C HIS B 179 13.70 -15.17 -10.59
N PHE B 180 12.51 -15.69 -10.86
CA PHE B 180 11.26 -15.02 -10.48
C PHE B 180 11.18 -14.61 -9.01
N THR B 181 11.48 -15.55 -8.10
CA THR B 181 11.25 -15.32 -6.67
C THR B 181 12.27 -14.39 -6.03
N HIS B 182 13.49 -14.36 -6.58
CA HIS B 182 14.55 -13.53 -6.03
C HIS B 182 14.38 -12.03 -6.35
N GLN B 183 13.27 -11.65 -6.98
CA GLN B 183 12.87 -10.22 -6.99
C GLN B 183 12.15 -9.78 -5.70
N PHE B 184 11.51 -10.72 -5.01
CA PHE B 184 10.79 -10.38 -3.78
C PHE B 184 11.29 -11.09 -2.53
N PHE B 185 12.07 -12.16 -2.71
CA PHE B 185 12.88 -12.68 -1.61
C PHE B 185 14.33 -12.16 -1.73
N LYS B 186 14.66 -11.16 -0.91
CA LYS B 186 15.93 -10.45 -1.00
C LYS B 186 16.34 -10.05 0.41
N THR B 187 16.72 -11.06 1.20
CA THR B 187 17.01 -10.84 2.61
C THR B 187 18.13 -9.82 2.82
N ASP B 188 17.92 -8.95 3.81
CA ASP B 188 18.87 -7.91 4.16
C ASP B 188 19.76 -8.41 5.29
N HIS B 189 20.87 -9.05 4.93
CA HIS B 189 21.77 -9.70 5.88
C HIS B 189 22.42 -8.78 6.91
N LYS B 190 22.64 -7.51 6.57
CA LYS B 190 23.14 -6.56 7.55
C LYS B 190 22.12 -6.28 8.66
N ARG B 191 20.83 -6.39 8.36
CA ARG B 191 19.78 -6.19 9.38
C ARG B 191 19.35 -7.49 10.07
N GLY B 192 19.11 -8.54 9.29
CA GLY B 192 18.74 -9.83 9.85
C GLY B 192 17.78 -10.62 8.99
N PRO B 193 17.54 -11.89 9.33
CA PRO B 193 16.74 -12.77 8.47
C PRO B 193 15.26 -12.33 8.29
N GLY B 194 14.72 -11.58 9.24
CA GLY B 194 13.36 -11.03 9.10
C GLY B 194 13.25 -9.70 8.37
N PHE B 195 14.34 -9.28 7.71
CA PHE B 195 14.35 -8.02 6.97
C PHE B 195 14.60 -8.25 5.49
N THR B 196 14.04 -7.37 4.66
CA THR B 196 14.10 -7.51 3.20
C THR B 196 14.59 -6.25 2.53
N ARG B 197 15.17 -6.40 1.33
CA ARG B 197 15.64 -5.28 0.51
C ARG B 197 14.67 -5.04 -0.63
N GLY B 198 13.74 -5.96 -0.83
CA GLY B 198 12.67 -5.80 -1.84
C GLY B 198 11.51 -4.98 -1.30
N LEU B 199 11.69 -3.65 -1.24
CA LEU B 199 10.70 -2.73 -0.67
C LEU B 199 9.39 -2.64 -1.47
N GLY B 200 9.40 -3.17 -2.69
CA GLY B 200 8.22 -3.20 -3.54
C GLY B 200 7.29 -4.34 -3.16
N HIS B 201 7.81 -5.30 -2.38
CA HIS B 201 7.05 -6.44 -1.87
C HIS B 201 6.22 -7.18 -2.93
N GLY B 202 6.82 -7.42 -4.10
CA GLY B 202 6.13 -8.21 -5.12
C GLY B 202 6.73 -8.17 -6.52
N VAL B 203 5.85 -8.33 -7.51
CA VAL B 203 6.27 -8.45 -8.89
C VAL B 203 6.45 -7.06 -9.51
N ASP B 204 7.55 -6.39 -9.17
CA ASP B 204 7.87 -5.08 -9.77
C ASP B 204 8.98 -5.16 -10.83
N LEU B 205 9.55 -6.37 -10.98
CA LEU B 205 10.71 -6.64 -11.87
C LEU B 205 11.95 -5.84 -11.54
N ASN B 206 12.16 -5.54 -10.25
CA ASN B 206 13.39 -4.90 -9.81
C ASN B 206 14.64 -5.76 -10.14
N HIS B 207 14.41 -7.07 -10.33
CA HIS B 207 15.52 -7.99 -10.67
C HIS B 207 16.00 -7.81 -12.11
N ILE B 208 15.21 -7.10 -12.93
CA ILE B 208 15.62 -6.68 -14.26
C ILE B 208 16.03 -5.18 -14.25
N TYR B 209 15.23 -4.34 -13.58
CA TYR B 209 15.40 -2.88 -13.69
C TYR B 209 16.14 -2.20 -12.52
N GLY B 210 16.43 -2.97 -11.47
CA GLY B 210 17.06 -2.39 -10.28
C GLY B 210 16.03 -1.90 -9.26
N GLU B 211 16.42 -2.01 -8.00
CA GLU B 211 15.59 -1.64 -6.85
C GLU B 211 15.44 -0.13 -6.71
N THR B 212 16.51 0.62 -6.98
CA THR B 212 16.50 2.08 -6.88
C THR B 212 16.54 2.76 -8.27
N LEU B 213 16.07 4.00 -8.29
CA LEU B 213 16.09 4.83 -9.48
C LEU B 213 17.51 5.02 -10.05
N ASP B 214 18.49 5.26 -9.17
CA ASP B 214 19.90 5.41 -9.56
C ASP B 214 20.42 4.19 -10.32
N ARG B 215 20.14 2.99 -9.78
CA ARG B 215 20.53 1.74 -10.44
C ARG B 215 19.83 1.58 -11.80
N GLN B 216 18.53 1.85 -11.84
CA GLN B 216 17.76 1.79 -13.07
C GLN B 216 18.37 2.66 -14.17
N HIS B 217 18.70 3.89 -13.82
CA HIS B 217 19.23 4.85 -14.79
C HIS B 217 20.58 4.41 -15.34
N LYS B 218 21.40 3.79 -14.50
CA LYS B 218 22.69 3.25 -14.96
C LYS B 218 22.54 2.04 -15.88
N LEU B 219 21.41 1.33 -15.79
CA LEU B 219 21.12 0.16 -16.65
C LEU B 219 20.46 0.55 -17.98
N ARG B 220 19.90 1.74 -18.05
CA ARG B 220 19.14 2.21 -19.20
C ARG B 220 19.99 2.87 -20.28
N LEU B 221 19.60 2.65 -21.54
CA LEU B 221 20.26 3.23 -22.70
C LEU B 221 19.86 4.69 -22.94
N PHE B 222 18.68 5.07 -22.47
CA PHE B 222 18.08 6.41 -22.75
C PHE B 222 17.84 6.73 -24.21
N LYS B 223 17.78 5.67 -25.02
CA LYS B 223 17.32 5.77 -26.39
C LYS B 223 16.25 4.68 -26.56
N ASP B 224 15.09 5.09 -27.08
CA ASP B 224 14.01 4.18 -27.46
C ASP B 224 13.44 3.32 -26.32
N GLY B 225 13.60 3.81 -25.08
CA GLY B 225 13.14 3.11 -23.90
C GLY B 225 13.99 1.94 -23.46
N LYS B 226 15.09 1.70 -24.19
CA LYS B 226 15.82 0.43 -24.06
C LYS B 226 16.77 0.33 -22.84
N LEU B 227 17.14 -0.91 -22.52
CA LEU B 227 18.19 -1.19 -21.55
C LEU B 227 19.52 -1.36 -22.28
N LYS B 228 20.60 -0.91 -21.65
CA LYS B 228 21.95 -1.11 -22.18
C LYS B 228 22.24 -2.60 -22.36
N TYR B 229 23.08 -2.91 -23.33
CA TYR B 229 23.46 -4.28 -23.62
C TYR B 229 24.85 -4.30 -24.26
N GLN B 230 25.41 -5.50 -24.41
CA GLN B 230 26.62 -5.68 -25.21
C GLN B 230 26.38 -6.82 -26.20
N VAL B 231 27.23 -6.91 -27.21
CA VAL B 231 27.16 -7.94 -28.22
C VAL B 231 28.43 -8.78 -28.19
N ILE B 232 28.28 -10.08 -27.91
CA ILE B 232 29.40 -11.02 -27.91
C ILE B 232 29.14 -12.09 -28.97
N GLY B 233 30.04 -12.17 -29.95
CA GLY B 233 29.86 -13.06 -31.10
C GLY B 233 28.48 -12.95 -31.74
N GLY B 234 28.00 -11.73 -31.89
CA GLY B 234 26.71 -11.48 -32.55
C GLY B 234 25.47 -11.70 -31.68
N GLU B 235 25.68 -12.08 -30.42
CA GLU B 235 24.58 -12.35 -29.48
C GLU B 235 24.48 -11.22 -28.45
N VAL B 236 23.25 -10.82 -28.12
CA VAL B 236 22.99 -9.75 -27.15
C VAL B 236 23.06 -10.30 -25.72
N TYR B 237 23.96 -9.74 -24.90
CA TYR B 237 24.06 -10.07 -23.48
C TYR B 237 23.92 -8.79 -22.66
N PRO B 238 23.69 -8.91 -21.33
CA PRO B 238 23.69 -7.74 -20.47
C PRO B 238 25.04 -7.04 -20.50
N PRO B 239 25.06 -5.72 -20.18
CA PRO B 239 26.31 -4.96 -20.23
C PRO B 239 27.20 -5.31 -19.02
N THR B 240 28.43 -4.80 -19.00
CA THR B 240 29.36 -5.08 -17.93
C THR B 240 29.23 -4.10 -16.77
N VAL B 241 29.80 -4.48 -15.62
CA VAL B 241 29.92 -3.62 -14.45
C VAL B 241 30.75 -2.37 -14.76
N LYS B 242 31.87 -2.55 -15.48
CA LYS B 242 32.73 -1.43 -15.89
C LYS B 242 31.94 -0.42 -16.73
N ASP B 243 31.15 -0.92 -17.69
CA ASP B 243 30.36 -0.06 -18.57
C ASP B 243 29.27 0.73 -17.83
N THR B 244 28.54 0.07 -16.94
CA THR B 244 27.38 0.68 -16.30
C THR B 244 27.70 1.37 -14.96
N GLN B 245 28.76 0.93 -14.30
CA GLN B 245 29.08 1.33 -12.93
C GLN B 245 28.03 0.79 -11.93
N VAL B 246 27.33 -0.26 -12.32
CA VAL B 246 26.34 -0.92 -11.48
C VAL B 246 27.03 -1.98 -10.60
N GLU B 247 26.93 -1.84 -9.28
CA GLU B 247 27.50 -2.82 -8.34
C GLU B 247 26.86 -4.19 -8.50
N MET B 248 27.71 -5.21 -8.54
CA MET B 248 27.29 -6.62 -8.61
C MET B 248 28.15 -7.41 -7.64
N ILE B 249 27.64 -8.55 -7.16
CA ILE B 249 28.45 -9.46 -6.36
C ILE B 249 29.13 -10.50 -7.26
N TYR B 250 30.45 -10.43 -7.31
CA TYR B 250 31.31 -11.40 -8.01
C TYR B 250 32.56 -11.71 -7.21
N PRO B 251 33.04 -12.96 -7.26
CA PRO B 251 34.36 -13.28 -6.71
C PRO B 251 35.46 -12.44 -7.40
N PRO B 252 36.57 -12.16 -6.70
CA PRO B 252 37.63 -11.32 -7.27
C PRO B 252 38.20 -11.83 -8.59
N HIS B 253 38.30 -13.15 -8.76
CA HIS B 253 38.93 -13.74 -9.95
C HIS B 253 38.15 -13.56 -11.28
N ILE B 254 36.93 -13.05 -11.21
CA ILE B 254 36.12 -12.85 -12.42
C ILE B 254 36.65 -11.67 -13.25
N PRO B 255 37.00 -11.92 -14.53
CA PRO B 255 37.51 -10.87 -15.40
C PRO B 255 36.44 -9.83 -15.71
N GLU B 256 36.87 -8.59 -15.95
CA GLU B 256 35.97 -7.45 -16.17
C GLU B 256 34.90 -7.73 -17.24
N ASN B 257 35.30 -8.42 -18.31
CA ASN B 257 34.38 -8.71 -19.41
C ASN B 257 33.28 -9.71 -19.05
N LEU B 258 33.49 -10.48 -17.99
CA LEU B 258 32.50 -11.49 -17.54
C LEU B 258 31.69 -11.01 -16.34
N GLN B 259 31.91 -9.76 -15.93
CA GLN B 259 31.13 -9.20 -14.83
C GLN B 259 29.87 -8.56 -15.38
N PHE B 260 28.88 -9.38 -15.68
CA PHE B 260 27.60 -8.91 -16.21
CA PHE B 260 27.60 -8.91 -16.21
C PHE B 260 26.81 -8.12 -15.17
N ALA B 261 26.19 -7.02 -15.60
CA ALA B 261 25.43 -6.15 -14.73
C ALA B 261 23.94 -6.24 -15.03
N VAL B 262 23.16 -6.71 -14.05
CA VAL B 262 21.71 -6.79 -14.15
C VAL B 262 21.02 -6.19 -12.91
N GLY B 263 19.70 -6.10 -12.95
CA GLY B 263 18.91 -5.49 -11.86
C GLY B 263 19.20 -6.05 -10.48
N GLN B 264 19.27 -7.38 -10.42
CA GLN B 264 19.51 -8.08 -9.16
C GLN B 264 21.02 -8.33 -8.96
N GLU B 265 21.57 -7.79 -7.87
CA GLU B 265 22.97 -7.93 -7.44
C GLU B 265 23.57 -9.34 -7.52
N VAL B 266 22.74 -10.36 -7.27
CA VAL B 266 23.28 -11.73 -7.09
C VAL B 266 23.18 -12.62 -8.32
N PHE B 267 22.60 -12.13 -9.41
CA PHE B 267 22.33 -12.99 -10.57
C PHE B 267 23.58 -13.48 -11.34
N GLY B 268 24.71 -12.81 -11.15
CA GLY B 268 25.96 -13.21 -11.79
C GLY B 268 26.56 -14.47 -11.19
N LEU B 269 25.90 -15.05 -10.19
CA LEU B 269 26.51 -16.13 -9.44
C LEU B 269 26.08 -17.53 -9.90
N VAL B 270 25.01 -17.58 -10.69
CA VAL B 270 24.47 -18.82 -11.26
C VAL B 270 24.22 -18.57 -12.76
N PRO B 271 24.85 -19.34 -13.66
CA PRO B 271 24.58 -19.16 -15.11
C PRO B 271 23.11 -19.39 -15.51
N GLY B 272 22.39 -20.24 -14.77
CA GLY B 272 20.94 -20.38 -14.95
C GLY B 272 20.16 -19.11 -14.66
N LEU B 273 20.64 -18.31 -13.71
CA LEU B 273 20.05 -16.99 -13.45
C LEU B 273 20.39 -16.01 -14.57
N MET B 274 21.64 -16.03 -15.02
CA MET B 274 22.08 -15.16 -16.11
C MET B 274 21.37 -15.48 -17.43
N MET B 275 20.98 -16.74 -17.61
CA MET B 275 20.22 -17.15 -18.77
C MET B 275 18.90 -16.38 -18.84
N TYR B 276 18.11 -16.46 -17.76
CA TYR B 276 16.84 -15.71 -17.69
C TYR B 276 17.01 -14.19 -17.68
N ALA B 277 18.04 -13.69 -17.00
CA ALA B 277 18.38 -12.25 -17.06
C ALA B 277 18.56 -11.79 -18.51
N THR B 278 19.24 -12.59 -19.33
CA THR B 278 19.52 -12.25 -20.73
C THR B 278 18.22 -12.27 -21.55
N ILE B 279 17.46 -13.36 -21.42
CA ILE B 279 16.15 -13.49 -22.07
C ILE B 279 15.22 -12.30 -21.78
N TRP B 280 15.06 -11.94 -20.50
CA TRP B 280 14.19 -10.81 -20.13
C TRP B 280 14.69 -9.44 -20.60
N LEU B 281 16.01 -9.22 -20.54
CA LEU B 281 16.62 -8.03 -21.13
C LEU B 281 16.24 -7.93 -22.63
N ARG B 282 16.43 -9.03 -23.36
CA ARG B 282 16.06 -9.06 -24.78
C ARG B 282 14.57 -8.78 -24.99
N GLU B 283 13.74 -9.39 -24.14
CA GLU B 283 12.29 -9.20 -24.23
C GLU B 283 11.91 -7.72 -24.04
N HIS B 284 12.51 -7.06 -23.04
CA HIS B 284 12.25 -5.62 -22.84
C HIS B 284 12.55 -4.81 -24.09
N ASN B 285 13.72 -5.03 -24.66
CA ASN B 285 14.13 -4.32 -25.88
C ASN B 285 13.26 -4.68 -27.09
N ARG B 286 12.77 -5.92 -27.14
CA ARG B 286 11.81 -6.35 -28.18
C ARG B 286 10.50 -5.54 -28.06
N VAL B 287 9.99 -5.41 -26.84
CA VAL B 287 8.75 -4.67 -26.57
C VAL B 287 8.92 -3.17 -26.86
N CYS B 288 10.09 -2.61 -26.55
CA CYS B 288 10.44 -1.26 -26.96
C CYS B 288 10.30 -1.05 -28.49
N ASP B 289 10.80 -2.01 -29.28
CA ASP B 289 10.72 -1.93 -30.76
C ASP B 289 9.26 -1.94 -31.24
N ILE B 290 8.45 -2.80 -30.64
CA ILE B 290 7.03 -2.92 -31.01
C ILE B 290 6.29 -1.62 -30.68
N LEU B 291 6.53 -1.10 -29.47
CA LEU B 291 5.92 0.17 -29.04
C LEU B 291 6.33 1.38 -29.89
N LYS B 292 7.60 1.44 -30.29
CA LYS B 292 8.09 2.52 -31.13
C LYS B 292 7.41 2.53 -32.50
N GLN B 293 7.18 1.32 -33.03
CA GLN B 293 6.45 1.13 -34.28
C GLN B 293 5.00 1.63 -34.16
N GLU B 294 4.37 1.34 -33.01
CA GLU B 294 3.01 1.78 -32.73
C GLU B 294 2.94 3.27 -32.42
N HIS B 295 3.96 3.77 -31.72
CA HIS B 295 4.00 5.16 -31.28
C HIS B 295 5.30 5.88 -31.72
N PRO B 296 5.40 6.27 -33.01
CA PRO B 296 6.59 7.02 -33.43
C PRO B 296 6.70 8.38 -32.72
N GLU B 297 5.60 8.84 -32.14
CA GLU B 297 5.57 10.10 -31.41
C GLU B 297 6.11 10.02 -29.96
N TRP B 298 6.28 8.81 -29.43
CA TRP B 298 6.66 8.64 -28.01
C TRP B 298 8.16 8.86 -27.76
N GLY B 299 8.48 9.38 -26.57
CA GLY B 299 9.87 9.57 -26.13
C GLY B 299 10.39 8.36 -25.37
N ASP B 300 11.67 8.39 -25.03
CA ASP B 300 12.36 7.29 -24.34
C ASP B 300 11.71 6.93 -23.01
N GLU B 301 11.36 7.95 -22.23
CA GLU B 301 10.84 7.69 -20.88
C GLU B 301 9.54 6.89 -20.94
N GLN B 302 8.60 7.31 -21.80
CA GLN B 302 7.32 6.58 -21.92
C GLN B 302 7.49 5.18 -22.52
N LEU B 303 8.39 5.04 -23.49
CA LEU B 303 8.72 3.72 -24.05
C LEU B 303 9.25 2.76 -22.97
N PHE B 304 10.17 3.23 -22.13
CA PHE B 304 10.72 2.40 -21.08
C PHE B 304 9.67 2.01 -20.05
N GLN B 305 8.84 2.99 -19.63
CA GLN B 305 7.87 2.73 -18.57
C GLN B 305 6.80 1.78 -19.04
N THR B 306 6.35 1.95 -20.28
CA THR B 306 5.26 1.14 -20.80
C THR B 306 5.74 -0.31 -21.04
N SER B 307 6.97 -0.47 -21.53
CA SER B 307 7.56 -1.80 -21.68
C SER B 307 7.69 -2.52 -20.33
N ARG B 308 8.06 -1.78 -19.30
CA ARG B 308 8.14 -2.35 -17.95
C ARG B 308 6.77 -2.88 -17.51
N LEU B 309 5.70 -2.14 -17.79
CA LEU B 309 4.36 -2.55 -17.37
C LEU B 309 3.89 -3.78 -18.13
N ILE B 310 4.20 -3.83 -19.43
CA ILE B 310 3.94 -4.98 -20.28
C ILE B 310 4.68 -6.23 -19.75
N LEU B 311 5.97 -6.07 -19.44
CA LEU B 311 6.77 -7.18 -18.92
C LEU B 311 6.26 -7.71 -17.56
N ILE B 312 5.82 -6.80 -16.68
CA ILE B 312 5.16 -7.20 -15.44
C ILE B 312 3.92 -8.06 -15.72
N GLY B 313 3.08 -7.62 -16.66
CA GLY B 313 1.94 -8.38 -17.11
C GLY B 313 2.30 -9.75 -17.68
N GLU B 314 3.36 -9.80 -18.48
CA GLU B 314 3.84 -11.06 -19.08
C GLU B 314 4.27 -12.06 -18.02
N THR B 315 5.01 -11.55 -17.03
CA THR B 315 5.49 -12.32 -15.90
C THR B 315 4.33 -12.97 -15.15
N ILE B 316 3.31 -12.20 -14.78
CA ILE B 316 2.16 -12.73 -14.04
C ILE B 316 1.42 -13.78 -14.87
N LYS B 317 1.24 -13.47 -16.15
CA LYS B 317 0.61 -14.36 -17.11
C LYS B 317 1.27 -15.73 -17.16
N ILE B 318 2.59 -15.72 -17.35
CA ILE B 318 3.40 -16.93 -17.47
C ILE B 318 3.42 -17.71 -16.15
N VAL B 319 3.54 -16.99 -15.03
CA VAL B 319 3.54 -17.63 -13.73
C VAL B 319 2.24 -18.40 -13.46
N ILE B 320 1.11 -17.82 -13.82
CA ILE B 320 -0.18 -18.47 -13.59
C ILE B 320 -0.41 -19.62 -14.60
N GLU B 321 -0.26 -19.31 -15.88
CA GLU B 321 -0.72 -20.23 -16.92
C GLU B 321 0.29 -21.31 -17.34
N ASP B 322 1.58 -21.08 -17.07
CA ASP B 322 2.60 -22.10 -17.31
C ASP B 322 3.17 -22.65 -15.99
N TYR B 323 3.61 -21.74 -15.13
CA TYR B 323 4.39 -22.11 -13.95
C TYR B 323 3.54 -22.77 -12.87
N VAL B 324 2.49 -22.07 -12.43
CA VAL B 324 1.55 -22.64 -11.46
C VAL B 324 0.75 -23.79 -12.07
N GLN B 325 0.37 -23.65 -13.34
CA GLN B 325 -0.31 -24.74 -14.06
C GLN B 325 0.45 -26.05 -13.93
N HIS B 326 1.75 -26.01 -14.24
CA HIS B 326 2.63 -27.17 -14.12
C HIS B 326 2.70 -27.71 -12.68
N LEU B 327 3.00 -26.84 -11.73
CA LEU B 327 3.13 -27.23 -10.31
C LEU B 327 1.89 -27.94 -9.81
N SER B 328 0.73 -27.34 -10.12
CA SER B 328 -0.56 -27.80 -9.64
C SER B 328 -0.88 -29.26 -9.97
N GLY B 329 -0.46 -29.70 -11.15
CA GLY B 329 -0.87 -31.01 -11.68
C GLY B 329 -2.35 -31.09 -12.06
N TYR B 330 -3.01 -29.93 -12.16
CA TYR B 330 -4.45 -29.89 -12.45
C TYR B 330 -4.76 -30.12 -13.92
N HIS B 331 -5.91 -30.75 -14.19
CA HIS B 331 -6.39 -30.90 -15.56
C HIS B 331 -7.10 -29.64 -16.03
N PHE B 332 -7.65 -28.87 -15.07
CA PHE B 332 -8.30 -27.59 -15.36
C PHE B 332 -7.25 -26.57 -15.77
N LYS B 333 -7.52 -25.85 -16.85
CA LYS B 333 -6.60 -24.81 -17.34
C LYS B 333 -6.80 -23.51 -16.55
N LEU B 334 -5.88 -23.21 -15.65
CA LEU B 334 -5.88 -21.94 -14.94
C LEU B 334 -5.83 -20.76 -15.94
N LYS B 335 -6.25 -19.58 -15.50
CA LYS B 335 -6.39 -18.42 -16.38
C LYS B 335 -5.99 -17.14 -15.66
N PHE B 336 -5.18 -16.33 -16.32
CA PHE B 336 -4.86 -14.98 -15.81
C PHE B 336 -5.91 -14.00 -16.37
N ASP B 337 -6.77 -13.52 -15.48
CA ASP B 337 -7.87 -12.64 -15.88
C ASP B 337 -8.29 -11.78 -14.69
N PRO B 338 -7.65 -10.60 -14.53
CA PRO B 338 -7.95 -9.65 -13.46
C PRO B 338 -9.45 -9.30 -13.36
N GLU B 339 -10.16 -9.35 -14.48
CA GLU B 339 -11.60 -9.05 -14.51
C GLU B 339 -12.43 -9.96 -13.60
N LEU B 340 -11.95 -11.17 -13.35
CA LEU B 340 -12.66 -12.13 -12.51
C LEU B 340 -12.88 -11.62 -11.09
N LEU B 341 -12.06 -10.65 -10.68
CA LEU B 341 -12.10 -10.11 -9.33
C LEU B 341 -12.82 -8.76 -9.20
N PHE B 342 -13.31 -8.21 -10.31
CA PHE B 342 -13.88 -6.86 -10.30
C PHE B 342 -15.19 -6.72 -9.53
N ASN B 343 -15.91 -7.83 -9.39
CA ASN B 343 -17.16 -7.85 -8.62
CA ASN B 343 -17.15 -7.83 -8.62
C ASN B 343 -16.97 -8.51 -7.25
N GLN B 344 -15.70 -8.70 -6.87
CA GLN B 344 -15.35 -9.33 -5.58
C GLN B 344 -14.62 -8.36 -4.64
N GLN B 345 -14.62 -8.69 -3.36
CA GLN B 345 -13.80 -7.97 -2.38
C GLN B 345 -12.39 -8.49 -2.44
N PHE B 346 -11.44 -7.59 -2.70
CA PHE B 346 -10.05 -7.97 -2.84
C PHE B 346 -9.18 -6.73 -2.72
N GLN B 347 -8.06 -6.88 -2.02
CA GLN B 347 -7.15 -5.76 -1.75
C GLN B 347 -6.00 -5.81 -2.74
N TYR B 348 -5.88 -4.77 -3.57
CA TYR B 348 -4.80 -4.70 -4.56
C TYR B 348 -3.52 -4.21 -3.91
N GLN B 349 -2.94 -5.06 -3.07
CA GLN B 349 -1.69 -4.76 -2.37
C GLN B 349 -1.13 -6.04 -1.79
N ASN B 350 0.17 -6.03 -1.50
CA ASN B 350 0.84 -7.22 -0.97
C ASN B 350 2.01 -6.86 -0.07
N ARG B 351 2.19 -7.63 0.98
CA ARG B 351 3.42 -7.59 1.78
C ARG B 351 3.99 -9.01 1.85
N ILE B 352 5.28 -9.16 1.54
CA ILE B 352 5.90 -10.48 1.53
C ILE B 352 6.10 -11.04 2.93
N ALA B 353 5.55 -12.22 3.17
CA ALA B 353 5.67 -12.90 4.45
C ALA B 353 6.96 -13.70 4.52
N SER B 354 7.56 -13.70 5.71
CA SER B 354 8.75 -14.47 6.00
C SER B 354 8.54 -15.96 5.69
N GLU B 355 7.36 -16.47 6.06
CA GLU B 355 7.03 -17.90 5.89
C GLU B 355 6.89 -18.29 4.43
N PHE B 356 6.47 -17.34 3.59
CA PHE B 356 6.47 -17.49 2.13
C PHE B 356 7.90 -17.66 1.59
N ASN B 357 8.82 -16.84 2.10
CA ASN B 357 10.25 -16.99 1.79
C ASN B 357 10.76 -18.36 2.24
N THR B 358 10.52 -18.72 3.50
CA THR B 358 10.97 -20.01 4.03
C THR B 358 10.47 -21.24 3.25
N LEU B 359 9.16 -21.28 2.94
CA LEU B 359 8.60 -22.43 2.22
C LEU B 359 9.17 -22.53 0.79
N TYR B 360 9.66 -21.42 0.26
CA TYR B 360 10.17 -21.39 -1.10
C TYR B 360 11.65 -21.81 -1.22
N HIS B 361 12.23 -22.30 -0.14
CA HIS B 361 13.62 -22.76 -0.21
C HIS B 361 13.68 -24.15 -0.85
N TRP B 362 13.42 -24.19 -2.16
CA TRP B 362 13.25 -25.44 -2.90
C TRP B 362 14.58 -26.05 -3.36
N HIS B 363 15.56 -26.10 -2.46
CA HIS B 363 16.88 -26.58 -2.83
C HIS B 363 16.96 -28.04 -3.34
N PRO B 364 16.08 -28.94 -2.86
CA PRO B 364 16.06 -30.29 -3.45
C PRO B 364 15.82 -30.33 -4.97
N LEU B 365 15.29 -29.25 -5.54
CA LEU B 365 15.11 -29.15 -6.99
C LEU B 365 16.43 -29.32 -7.72
N LEU B 366 17.52 -28.88 -7.11
CA LEU B 366 18.82 -28.86 -7.75
C LEU B 366 19.36 -30.26 -8.04
N PRO B 367 19.93 -30.46 -9.24
CA PRO B 367 20.52 -31.74 -9.65
C PRO B 367 21.89 -31.94 -9.02
N ASP B 368 22.49 -33.11 -9.24
CA ASP B 368 23.85 -33.40 -8.80
C ASP B 368 24.86 -32.67 -9.67
N THR B 369 24.58 -32.61 -10.98
CA THR B 369 25.42 -31.90 -11.94
C THR B 369 24.53 -31.13 -12.92
N PHE B 370 25.10 -30.10 -13.55
CA PHE B 370 24.39 -29.30 -14.52
C PHE B 370 24.81 -29.74 -15.90
N ASN B 371 23.88 -30.37 -16.62
CA ASN B 371 24.19 -31.07 -17.87
C ASN B 371 23.85 -30.20 -19.07
N ILE B 372 24.87 -29.61 -19.68
CA ILE B 372 24.67 -28.76 -20.84
C ILE B 372 25.40 -29.37 -22.02
N GLU B 373 24.63 -29.74 -23.04
CA GLU B 373 25.16 -30.38 -24.23
C GLU B 373 25.84 -31.70 -23.84
N ASP B 374 27.16 -31.80 -24.07
CA ASP B 374 27.94 -33.00 -23.75
CA ASP B 374 27.89 -33.02 -23.74
C ASP B 374 28.59 -32.96 -22.37
N GLN B 375 28.48 -31.83 -21.68
CA GLN B 375 29.19 -31.61 -20.42
C GLN B 375 28.34 -31.83 -19.17
N GLU B 376 28.98 -32.34 -18.11
CA GLU B 376 28.34 -32.44 -16.80
C GLU B 376 29.12 -31.64 -15.76
N TYR B 377 28.65 -30.43 -15.50
CA TYR B 377 29.33 -29.50 -14.60
C TYR B 377 28.96 -29.72 -13.15
N SER B 378 29.97 -29.81 -12.28
CA SER B 378 29.76 -29.84 -10.83
C SER B 378 29.31 -28.45 -10.34
N PHE B 379 28.86 -28.39 -9.09
CA PHE B 379 28.54 -27.12 -8.44
C PHE B 379 29.73 -26.14 -8.43
N LYS B 380 30.91 -26.65 -8.11
CA LYS B 380 32.14 -25.87 -8.10
C LYS B 380 32.42 -25.28 -9.49
N GLN B 381 32.19 -26.08 -10.54
CA GLN B 381 32.41 -25.66 -11.92
C GLN B 381 31.35 -24.71 -12.43
N PHE B 382 30.12 -24.88 -11.96
CA PHE B 382 28.97 -24.14 -12.49
C PHE B 382 28.87 -22.74 -11.88
N LEU B 383 29.12 -22.63 -10.57
CA LEU B 383 28.95 -21.37 -9.85
C LEU B 383 29.91 -20.26 -10.31
N TYR B 384 29.36 -19.04 -10.40
CA TYR B 384 30.09 -17.82 -10.82
C TYR B 384 30.70 -17.91 -12.22
N ASN B 385 30.37 -18.96 -12.96
CA ASN B 385 31.04 -19.22 -14.23
C ASN B 385 30.17 -18.90 -15.44
N ASN B 386 30.11 -17.61 -15.79
CA ASN B 386 29.37 -17.18 -16.97
C ASN B 386 30.01 -17.56 -18.31
N SER B 387 31.28 -17.98 -18.28
CA SER B 387 31.95 -18.58 -19.46
C SER B 387 31.13 -19.74 -20.01
N ILE B 388 30.50 -20.51 -19.14
CA ILE B 388 29.66 -21.63 -19.57
C ILE B 388 28.51 -21.13 -20.46
N LEU B 389 27.92 -20.00 -20.08
CA LEU B 389 26.85 -19.38 -20.88
C LEU B 389 27.36 -18.91 -22.24
N LEU B 390 28.49 -18.22 -22.24
CA LEU B 390 29.10 -17.72 -23.48
C LEU B 390 29.53 -18.87 -24.39
N GLU B 391 30.06 -19.94 -23.80
CA GLU B 391 30.59 -21.08 -24.56
C GLU B 391 29.48 -21.83 -25.29
N HIS B 392 28.42 -22.18 -24.55
CA HIS B 392 27.33 -22.96 -25.11
C HIS B 392 26.29 -22.13 -25.87
N GLY B 393 25.99 -20.93 -25.35
CA GLY B 393 24.96 -20.08 -25.91
C GLY B 393 23.60 -20.38 -25.30
N LEU B 394 22.65 -19.45 -25.50
CA LEU B 394 21.29 -19.57 -24.95
C LEU B 394 20.48 -20.70 -25.56
N THR B 395 20.58 -20.89 -26.88
CA THR B 395 19.87 -21.98 -27.55
C THR B 395 20.15 -23.33 -26.88
N GLN B 396 21.43 -23.65 -26.73
CA GLN B 396 21.87 -24.88 -26.07
C GLN B 396 21.55 -24.93 -24.57
N PHE B 397 21.64 -23.79 -23.88
CA PHE B 397 21.15 -23.73 -22.51
C PHE B 397 19.68 -24.15 -22.43
N VAL B 398 18.84 -23.54 -23.27
CA VAL B 398 17.40 -23.83 -23.27
C VAL B 398 17.13 -25.31 -23.63
N GLU B 399 17.75 -25.78 -24.71
CA GLU B 399 17.60 -27.18 -25.15
C GLU B 399 18.00 -28.20 -24.06
N SER B 400 19.15 -27.97 -23.43
CA SER B 400 19.68 -28.83 -22.38
C SER B 400 18.85 -28.78 -21.10
N PHE B 401 18.47 -27.57 -20.69
CA PHE B 401 17.72 -27.41 -19.45
C PHE B 401 16.26 -27.87 -19.56
N THR B 402 15.70 -27.85 -20.77
CA THR B 402 14.37 -28.39 -21.02
C THR B 402 14.38 -29.92 -20.81
N ARG B 403 15.51 -30.56 -21.13
CA ARG B 403 15.66 -32.01 -21.06
C ARG B 403 16.03 -32.56 -19.69
N GLN B 404 16.72 -31.75 -18.88
CA GLN B 404 17.23 -32.22 -17.58
C GLN B 404 16.20 -32.15 -16.44
N ILE B 405 15.88 -33.31 -15.88
CA ILE B 405 14.94 -33.44 -14.75
C ILE B 405 15.43 -32.77 -13.45
N ALA B 406 14.51 -32.18 -12.70
CA ALA B 406 14.78 -31.61 -11.38
C ALA B 406 14.45 -32.61 -10.27
N GLY B 407 14.86 -32.28 -9.05
CA GLY B 407 14.61 -33.14 -7.90
C GLY B 407 13.23 -32.97 -7.28
N ARG B 408 12.78 -34.02 -6.61
CA ARG B 408 11.55 -33.95 -5.81
C ARG B 408 11.81 -33.13 -4.54
N VAL B 409 10.89 -32.24 -4.20
CA VAL B 409 11.04 -31.35 -3.03
C VAL B 409 10.51 -31.98 -1.74
N ALA B 410 9.28 -32.48 -1.75
CA ALA B 410 8.76 -33.24 -0.61
C ALA B 410 9.28 -34.68 -0.64
N GLY B 411 9.04 -35.43 0.44
CA GLY B 411 9.34 -36.87 0.49
C GLY B 411 10.65 -37.25 1.17
N GLY B 412 11.46 -36.26 1.53
CA GLY B 412 12.67 -36.46 2.34
C GLY B 412 13.97 -36.73 1.59
N ARG B 413 15.08 -36.43 2.27
CA ARG B 413 16.43 -36.86 1.85
C ARG B 413 16.77 -36.53 0.40
N ASN B 414 16.50 -35.31 -0.02
CA ASN B 414 16.82 -34.90 -1.36
C ASN B 414 17.52 -33.54 -1.50
N VAL B 415 18.03 -32.99 -0.38
CA VAL B 415 18.83 -31.77 -0.43
C VAL B 415 20.25 -32.12 -0.91
N PRO B 416 20.73 -31.50 -2.00
CA PRO B 416 22.09 -31.79 -2.47
C PRO B 416 23.13 -31.43 -1.40
N ILE B 417 24.11 -32.30 -1.20
CA ILE B 417 25.20 -32.10 -0.24
C ILE B 417 25.94 -30.79 -0.45
N ALA B 418 26.15 -30.43 -1.72
CA ALA B 418 26.79 -29.16 -2.04
C ALA B 418 26.12 -27.93 -1.40
N VAL B 419 24.81 -27.98 -1.13
CA VAL B 419 24.15 -26.85 -0.45
C VAL B 419 23.68 -27.15 0.97
N GLN B 420 24.37 -28.06 1.66
CA GLN B 420 23.95 -28.44 3.01
C GLN B 420 23.93 -27.24 3.97
N ALA B 421 24.88 -26.31 3.80
CA ALA B 421 24.98 -25.16 4.71
C ALA B 421 23.77 -24.23 4.55
N VAL B 422 23.26 -24.16 3.32
CA VAL B 422 22.05 -23.39 3.00
C VAL B 422 20.82 -24.00 3.68
N ALA B 423 20.66 -25.32 3.60
CA ALA B 423 19.55 -25.99 4.26
C ALA B 423 19.61 -25.82 5.79
N LYS B 424 20.79 -26.00 6.37
CA LYS B 424 20.96 -25.80 7.81
C LYS B 424 20.61 -24.36 8.20
N ALA B 425 20.99 -23.41 7.35
CA ALA B 425 20.68 -21.99 7.59
C ALA B 425 19.17 -21.74 7.66
N SER B 426 18.42 -22.40 6.79
CA SER B 426 16.96 -22.25 6.77
C SER B 426 16.34 -22.66 8.10
N ILE B 427 16.81 -23.79 8.63
CA ILE B 427 16.38 -24.29 9.93
C ILE B 427 16.78 -23.31 11.03
N ASP B 428 18.04 -22.90 11.04
CA ASP B 428 18.60 -22.06 12.10
C ASP B 428 17.99 -20.65 12.11
N GLN B 429 17.74 -20.10 10.93
CA GLN B 429 17.13 -18.77 10.84
C GLN B 429 15.65 -18.77 11.22
N SER B 430 14.92 -19.84 10.91
CA SER B 430 13.54 -20.03 11.40
C SER B 430 13.47 -19.95 12.92
N ARG B 431 14.43 -20.59 13.59
CA ARG B 431 14.51 -20.61 15.04
C ARG B 431 14.86 -19.23 15.57
N GLU B 432 15.83 -18.60 14.93
CA GLU B 432 16.24 -17.25 15.26
C GLU B 432 15.07 -16.26 15.14
N MET B 433 14.24 -16.44 14.10
CA MET B 433 13.04 -15.63 13.92
C MET B 433 11.84 -16.12 14.76
N LYS B 434 12.10 -17.08 15.65
CA LYS B 434 11.08 -17.61 16.57
C LYS B 434 9.79 -18.11 15.88
N TYR B 435 9.93 -18.90 14.83
CA TYR B 435 8.79 -19.55 14.17
C TYR B 435 8.00 -20.46 15.12
N GLN B 436 6.68 -20.35 15.09
CA GLN B 436 5.83 -21.37 15.71
C GLN B 436 5.95 -22.71 14.97
N SER B 437 5.37 -23.76 15.54
CA SER B 437 5.53 -25.13 15.04
C SER B 437 4.75 -25.39 13.75
N LEU B 438 5.12 -26.47 13.04
CA LEU B 438 4.37 -26.95 11.88
C LEU B 438 2.87 -27.06 12.15
N ASN B 439 2.48 -27.66 13.28
CA ASN B 439 1.06 -27.80 13.56
C ASN B 439 0.31 -26.48 13.80
N GLU B 440 0.98 -25.48 14.38
CA GLU B 440 0.42 -24.13 14.47
C GLU B 440 0.17 -23.53 13.07
N TYR B 441 1.13 -23.69 12.16
CA TYR B 441 0.94 -23.21 10.79
C TYR B 441 -0.14 -23.95 10.01
N ARG B 442 -0.25 -25.27 10.21
CA ARG B 442 -1.33 -26.05 9.61
C ARG B 442 -2.71 -25.52 10.03
N LYS B 443 -2.92 -25.35 11.33
CA LYS B 443 -4.18 -24.77 11.85
C LYS B 443 -4.44 -23.36 11.31
N ARG B 444 -3.40 -22.54 11.26
CA ARG B 444 -3.51 -21.19 10.72
C ARG B 444 -4.08 -21.20 9.28
N PHE B 445 -3.79 -22.26 8.52
CA PHE B 445 -4.23 -22.36 7.13
C PHE B 445 -5.36 -23.38 6.95
N SER B 446 -6.16 -23.56 7.99
CA SER B 446 -7.32 -24.46 7.99
C SER B 446 -6.99 -25.94 7.66
N LEU B 447 -5.86 -26.43 8.16
CA LEU B 447 -5.48 -27.84 7.99
C LEU B 447 -5.51 -28.56 9.32
N LYS B 448 -5.83 -29.84 9.30
CA LYS B 448 -5.81 -30.67 10.50
C LYS B 448 -4.35 -30.83 10.96
N PRO B 449 -4.07 -30.61 12.27
CA PRO B 449 -2.73 -30.91 12.77
C PRO B 449 -2.41 -32.40 12.62
N TYR B 450 -1.16 -32.71 12.30
CA TYR B 450 -0.68 -34.09 12.27
C TYR B 450 -0.65 -34.65 13.68
N THR B 451 -1.07 -35.91 13.84
CA THR B 451 -1.10 -36.55 15.16
C THR B 451 0.08 -37.49 15.41
N SER B 452 0.95 -37.64 14.41
CA SER B 452 2.19 -38.41 14.55
C SER B 452 3.19 -38.10 13.44
N PHE B 453 4.44 -38.50 13.66
CA PHE B 453 5.48 -38.31 12.65
C PHE B 453 5.26 -39.22 11.45
N GLU B 454 4.71 -40.42 11.69
CA GLU B 454 4.37 -41.35 10.62
C GLU B 454 3.28 -40.78 9.71
N GLU B 455 2.29 -40.10 10.30
CA GLU B 455 1.25 -39.44 9.52
C GLU B 455 1.85 -38.32 8.66
N LEU B 456 2.79 -37.57 9.22
CA LEU B 456 3.51 -36.52 8.48
C LEU B 456 4.24 -37.06 7.24
N THR B 457 4.99 -38.16 7.40
CA THR B 457 5.90 -38.64 6.35
C THR B 457 5.28 -39.70 5.44
N GLY B 458 4.28 -40.42 5.93
CA GLY B 458 3.63 -41.50 5.18
C GLY B 458 4.48 -42.76 5.15
N GLU B 459 5.53 -42.78 5.97
CA GLU B 459 6.53 -43.84 5.93
C GLU B 459 6.97 -44.11 7.38
N LYS B 460 7.93 -45.01 7.59
CA LYS B 460 8.29 -45.40 8.95
C LYS B 460 9.68 -45.00 9.45
N GLU B 461 10.69 -45.05 8.57
CA GLU B 461 12.09 -44.89 8.97
C GLU B 461 12.47 -43.44 9.33
N MET B 462 12.06 -42.48 8.51
CA MET B 462 12.31 -41.07 8.79
C MET B 462 11.48 -40.60 9.99
N ALA B 463 10.24 -41.07 10.06
CA ALA B 463 9.36 -40.75 11.19
C ALA B 463 9.99 -41.13 12.53
N ALA B 464 10.61 -42.32 12.59
CA ALA B 464 11.30 -42.77 13.80
C ALA B 464 12.48 -41.86 14.16
N GLU B 465 13.27 -41.45 13.16
CA GLU B 465 14.35 -40.48 13.34
C GLU B 465 13.81 -39.17 13.94
N LEU B 466 12.75 -38.65 13.36
CA LEU B 466 12.12 -37.40 13.81
C LEU B 466 11.51 -37.52 15.20
N LYS B 467 10.92 -38.69 15.48
CA LYS B 467 10.36 -38.99 16.80
C LYS B 467 11.45 -38.88 17.87
N ALA B 468 12.57 -39.55 17.63
CA ALA B 468 13.67 -39.52 18.59
C ALA B 468 14.32 -38.14 18.71
N LEU B 469 14.31 -37.36 17.63
CA LEU B 469 14.88 -36.00 17.68
C LEU B 469 13.96 -34.99 18.40
N TYR B 470 12.68 -34.97 18.03
CA TYR B 470 11.73 -33.94 18.50
C TYR B 470 10.80 -34.34 19.64
N SER B 471 10.62 -35.66 19.83
CA SER B 471 9.71 -36.24 20.85
C SER B 471 8.22 -36.06 20.56
N ASP B 472 7.81 -34.81 20.34
CA ASP B 472 6.40 -34.49 20.20
C ASP B 472 6.13 -33.91 18.80
N ILE B 473 5.10 -34.45 18.13
CA ILE B 473 4.68 -33.97 16.81
C ILE B 473 4.30 -32.48 16.81
N ASP B 474 3.82 -31.98 17.95
CA ASP B 474 3.41 -30.58 18.08
C ASP B 474 4.56 -29.58 18.20
N VAL B 475 5.79 -30.07 18.24
CA VAL B 475 6.98 -29.20 18.18
C VAL B 475 7.81 -29.41 16.91
N MET B 476 7.33 -30.27 16.01
CA MET B 476 7.97 -30.42 14.71
C MET B 476 8.00 -29.06 14.00
N GLU B 477 9.15 -28.71 13.42
CA GLU B 477 9.37 -27.41 12.79
C GLU B 477 8.80 -27.38 11.37
N LEU B 478 8.40 -26.19 10.92
CA LEU B 478 7.79 -26.00 9.61
C LEU B 478 8.67 -26.37 8.41
N TYR B 479 9.88 -25.81 8.34
CA TYR B 479 10.73 -25.98 7.15
CA TYR B 479 10.74 -25.98 7.16
C TYR B 479 11.17 -27.44 6.91
N PRO B 480 11.75 -28.12 7.94
CA PRO B 480 12.11 -29.50 7.59
C PRO B 480 10.89 -30.38 7.32
N ALA B 481 9.76 -30.06 7.95
CA ALA B 481 8.53 -30.82 7.70
C ALA B 481 8.09 -30.72 6.23
N LEU B 482 8.24 -29.55 5.63
CA LEU B 482 7.93 -29.37 4.19
C LEU B 482 8.72 -30.29 3.27
N LEU B 483 9.96 -30.57 3.65
CA LEU B 483 10.86 -31.39 2.83
C LEU B 483 10.81 -32.88 3.10
N VAL B 484 10.21 -33.29 4.23
CA VAL B 484 10.04 -34.71 4.55
C VAL B 484 8.58 -35.17 4.39
N GLU B 485 7.67 -34.22 4.18
CA GLU B 485 6.24 -34.49 4.15
C GLU B 485 5.90 -35.52 3.08
N LYS B 486 4.92 -36.38 3.38
CA LYS B 486 4.39 -37.29 2.38
C LYS B 486 3.87 -36.49 1.19
N PRO B 487 4.44 -36.73 -0.01
CA PRO B 487 3.95 -36.03 -1.20
C PRO B 487 2.58 -36.55 -1.62
N ARG B 488 1.79 -35.71 -2.28
CA ARG B 488 0.57 -36.14 -2.95
C ARG B 488 0.95 -37.18 -4.00
N PRO B 489 0.00 -38.02 -4.45
CA PRO B 489 0.41 -39.13 -5.33
C PRO B 489 1.12 -38.66 -6.58
N ASP B 490 2.33 -39.18 -6.80
CA ASP B 490 3.20 -38.80 -7.93
C ASP B 490 3.45 -37.30 -8.03
N ALA B 491 3.42 -36.61 -6.90
CA ALA B 491 3.55 -35.16 -6.90
C ALA B 491 4.87 -34.66 -6.31
N ILE B 492 5.25 -33.44 -6.67
CA ILE B 492 6.46 -32.82 -6.16
C ILE B 492 6.34 -32.35 -4.70
N PHE B 493 5.11 -31.97 -4.28
CA PHE B 493 4.88 -31.38 -2.96
C PHE B 493 3.85 -32.17 -2.16
N GLY B 494 3.90 -32.04 -0.84
CA GLY B 494 2.83 -32.48 0.06
C GLY B 494 1.84 -31.36 0.34
N GLU B 495 0.82 -31.69 1.13
CA GLU B 495 -0.32 -30.79 1.41
C GLU B 495 0.06 -29.43 2.01
N THR B 496 0.99 -29.42 2.96
CA THR B 496 1.36 -28.19 3.65
C THR B 496 2.00 -27.15 2.72
N MET B 497 2.91 -27.59 1.85
CA MET B 497 3.55 -26.71 0.86
C MET B 497 2.50 -25.95 0.03
N VAL B 498 1.54 -26.71 -0.51
CA VAL B 498 0.54 -26.17 -1.42
C VAL B 498 -0.48 -25.27 -0.73
N GLU B 499 -0.92 -25.68 0.46
CA GLU B 499 -1.95 -24.93 1.19
C GLU B 499 -1.44 -23.60 1.76
N LEU B 500 -0.14 -23.54 2.06
CA LEU B 500 0.48 -22.29 2.50
C LEU B 500 0.91 -21.49 1.27
N GLY B 501 1.52 -22.18 0.30
CA GLY B 501 2.07 -21.54 -0.89
C GLY B 501 1.05 -20.88 -1.80
N ALA B 502 -0.12 -21.52 -1.94
CA ALA B 502 -1.15 -21.04 -2.87
C ALA B 502 -1.76 -19.66 -2.53
N PRO B 503 -2.21 -19.46 -1.27
CA PRO B 503 -2.70 -18.11 -0.95
C PRO B 503 -1.65 -17.02 -1.01
N PHE B 504 -0.40 -17.33 -0.65
CA PHE B 504 0.68 -16.33 -0.72
C PHE B 504 0.91 -15.92 -2.19
N SER B 505 0.84 -16.91 -3.08
CA SER B 505 1.07 -16.71 -4.52
C SER B 505 -0.06 -15.93 -5.15
N LEU B 506 -1.28 -16.19 -4.73
CA LEU B 506 -2.44 -15.43 -5.20
C LEU B 506 -2.25 -13.95 -4.88
N LYS B 507 -1.86 -13.65 -3.64
CA LYS B 507 -1.67 -12.26 -3.22
C LYS B 507 -0.55 -11.57 -3.97
N VAL B 508 0.57 -12.25 -4.19
CA VAL B 508 1.69 -11.57 -4.86
C VAL B 508 1.41 -11.37 -6.35
N LEU B 509 0.60 -12.23 -6.94
CA LEU B 509 0.29 -12.13 -8.37
C LEU B 509 -0.87 -11.17 -8.64
N MET B 510 -2.01 -11.41 -7.97
CA MET B 510 -3.24 -10.65 -8.24
C MET B 510 -3.31 -9.30 -7.49
N GLY B 511 -2.54 -9.15 -6.42
N GLY B 511 -2.55 -9.19 -6.41
CA GLY B 511 -2.57 -7.91 -5.63
CA GLY B 511 -2.47 -7.97 -5.61
C GLY B 511 -1.85 -6.73 -6.28
C GLY B 511 -1.37 -7.04 -6.09
N ASN B 512 -1.21 -6.98 -7.41
CA ASN B 512 -0.35 -6.00 -8.09
C ASN B 512 -1.26 -4.89 -8.62
N PRO B 513 -0.79 -3.62 -8.63
CA PRO B 513 -1.71 -2.60 -9.15
C PRO B 513 -2.13 -2.78 -10.61
N ILE B 514 -1.32 -3.47 -11.43
CA ILE B 514 -1.71 -3.64 -12.85
C ILE B 514 -2.99 -4.47 -12.98
N CYS B 515 -3.31 -5.25 -11.96
CA CYS B 515 -4.52 -6.05 -11.94
C CYS B 515 -5.75 -5.29 -11.48
N SER B 516 -5.58 -4.04 -11.05
CA SER B 516 -6.71 -3.22 -10.58
C SER B 516 -7.49 -2.64 -11.74
N PRO B 517 -8.81 -2.39 -11.56
CA PRO B 517 -9.68 -1.86 -12.62
C PRO B 517 -9.13 -0.64 -13.38
N GLN B 518 -8.50 0.30 -12.66
CA GLN B 518 -8.00 1.51 -13.33
C GLN B 518 -6.72 1.29 -14.13
N TYR B 519 -5.98 0.22 -13.80
CA TYR B 519 -4.81 -0.14 -14.58
C TYR B 519 -5.13 -1.13 -15.70
N TRP B 520 -6.07 -2.05 -15.48
CA TRP B 520 -6.27 -3.15 -16.42
C TRP B 520 -7.09 -2.69 -17.64
N LYS B 521 -6.45 -1.88 -18.48
CA LYS B 521 -7.05 -1.24 -19.67
C LYS B 521 -6.01 -1.23 -20.78
N PRO B 522 -6.44 -1.33 -22.06
CA PRO B 522 -5.50 -1.26 -23.18
C PRO B 522 -4.55 -0.07 -23.13
N SER B 523 -5.06 1.13 -22.81
CA SER B 523 -4.25 2.36 -22.82
C SER B 523 -3.06 2.39 -21.84
N THR B 524 -3.19 1.67 -20.71
CA THR B 524 -2.08 1.48 -19.76
C THR B 524 -0.82 0.90 -20.41
N PHE B 525 -1.03 0.11 -21.45
CA PHE B 525 0.03 -0.67 -22.09
C PHE B 525 0.26 -0.22 -23.54
N GLY B 526 -0.11 1.02 -23.83
CA GLY B 526 0.14 1.64 -25.13
C GLY B 526 -0.88 1.28 -26.19
N GLY B 527 -2.04 0.77 -25.76
CA GLY B 527 -3.11 0.39 -26.67
C GLY B 527 -3.25 -1.13 -26.82
N GLU B 528 -4.08 -1.54 -27.78
CA GLU B 528 -4.45 -2.95 -27.94
C GLU B 528 -3.28 -3.91 -28.25
N VAL B 529 -2.33 -3.44 -29.04
CA VAL B 529 -1.15 -4.24 -29.37
C VAL B 529 -0.31 -4.56 -28.12
N GLY B 530 -0.09 -3.57 -27.25
CA GLY B 530 0.64 -3.81 -25.99
C GLY B 530 -0.11 -4.74 -25.04
N PHE B 531 -1.43 -4.53 -24.93
CA PHE B 531 -2.30 -5.34 -24.09
C PHE B 531 -2.25 -6.80 -24.53
N LYS B 532 -2.20 -7.01 -25.84
CA LYS B 532 -2.21 -8.36 -26.40
C LYS B 532 -0.92 -9.15 -26.12
N ILE B 533 0.22 -8.46 -26.10
CA ILE B 533 1.48 -9.09 -25.70
C ILE B 533 1.34 -9.77 -24.32
N ILE B 534 0.71 -9.08 -23.38
CA ILE B 534 0.47 -9.63 -22.04
C ILE B 534 -0.44 -10.84 -22.10
N ASN B 535 -1.57 -10.68 -22.78
CA ASN B 535 -2.63 -11.69 -22.80
C ASN B 535 -2.35 -12.94 -23.65
N THR B 536 -1.24 -12.92 -24.40
CA THR B 536 -0.80 -14.08 -25.18
C THR B 536 0.58 -14.59 -24.77
N ALA B 537 1.16 -14.02 -23.70
CA ALA B 537 2.50 -14.42 -23.26
C ALA B 537 2.53 -15.87 -22.75
N SER B 538 3.64 -16.56 -22.98
CA SER B 538 3.87 -17.90 -22.42
C SER B 538 5.36 -18.12 -22.26
N ILE B 539 5.74 -19.14 -21.48
CA ILE B 539 7.16 -19.46 -21.37
C ILE B 539 7.74 -19.80 -22.75
N GLN B 540 6.95 -20.48 -23.58
CA GLN B 540 7.40 -20.82 -24.92
C GLN B 540 7.58 -19.59 -25.83
N SER B 541 6.66 -18.62 -25.73
CA SER B 541 6.73 -17.44 -26.60
C SER B 541 7.91 -16.54 -26.16
N LEU B 542 8.14 -16.45 -24.86
CA LEU B 542 9.29 -15.72 -24.32
C LEU B 542 10.62 -16.25 -24.90
N ILE B 543 10.79 -17.57 -24.88
CA ILE B 543 11.97 -18.20 -25.48
C ILE B 543 11.98 -18.03 -26.98
N CYS B 544 10.84 -18.30 -27.62
CA CYS B 544 10.75 -18.22 -29.09
C CYS B 544 11.16 -16.85 -29.63
N ASN B 545 10.67 -15.78 -29.01
CA ASN B 545 10.93 -14.42 -29.47
C ASN B 545 12.36 -13.93 -29.21
N ASN B 546 13.03 -14.52 -28.23
CA ASN B 546 14.30 -13.99 -27.71
C ASN B 546 15.52 -14.93 -27.77
N VAL B 547 15.32 -16.15 -28.25
CA VAL B 547 16.42 -17.13 -28.32
C VAL B 547 16.56 -17.62 -29.76
N LYS B 548 17.78 -17.53 -30.30
CA LYS B 548 18.06 -17.90 -31.67
C LYS B 548 17.59 -19.33 -31.99
N GLY B 549 16.87 -19.48 -33.09
CA GLY B 549 16.36 -20.78 -33.52
C GLY B 549 14.99 -21.14 -32.96
N CYS B 550 14.50 -20.35 -31.99
CA CYS B 550 13.22 -20.63 -31.31
C CYS B 550 13.14 -22.12 -30.91
N PRO B 551 14.01 -22.57 -29.98
CA PRO B 551 13.92 -23.97 -29.54
C PRO B 551 12.64 -24.22 -28.75
N PHE B 552 12.12 -25.45 -28.81
CA PHE B 552 10.94 -25.78 -28.05
CA PHE B 552 10.94 -25.85 -28.03
C PHE B 552 11.27 -25.75 -26.55
N THR B 553 10.31 -25.30 -25.76
CA THR B 553 10.51 -25.30 -24.31
C THR B 553 9.22 -25.47 -23.52
N SER B 554 9.37 -25.85 -22.25
CA SER B 554 8.27 -25.93 -21.30
C SER B 554 8.86 -26.17 -19.92
N PHE B 555 8.01 -26.29 -18.90
CA PHE B 555 8.52 -26.50 -17.55
C PHE B 555 8.65 -27.98 -17.19
N ASN B 556 8.27 -28.88 -18.10
CA ASN B 556 8.47 -30.29 -17.82
C ASN B 556 9.28 -31.04 -18.86
N VAL B 557 9.88 -32.14 -18.41
CA VAL B 557 10.79 -32.95 -19.20
C VAL B 557 10.08 -33.64 -20.38
N GLN B 558 8.93 -34.26 -20.10
CA GLN B 558 8.16 -35.07 -21.08
C GLN B 558 9.02 -36.10 -21.84
C1 NAG C . -14.67 14.28 -30.60
C2 NAG C . -15.71 14.56 -31.71
C3 NAG C . -15.19 15.46 -32.83
C4 NAG C . -14.42 16.65 -32.27
C5 NAG C . -13.34 16.08 -31.36
C6 NAG C . -12.30 17.09 -30.87
C7 NAG C . -17.48 12.93 -32.10
C8 NAG C . -17.84 11.58 -32.63
N2 NAG C . -16.22 13.33 -32.31
O3 NAG C . -16.30 15.91 -33.59
O4 NAG C . -13.91 17.47 -33.33
O5 NAG C . -13.99 15.48 -30.25
O6 NAG C . -12.90 17.94 -29.91
O7 NAG C . -18.31 13.61 -31.49
C1 NAG C . -14.72 18.63 -33.57
C2 NAG C . -13.93 19.81 -34.08
C3 NAG C . -14.66 21.10 -33.75
C4 NAG C . -16.15 20.91 -33.90
C5 NAG C . -16.63 19.84 -32.95
C6 NAG C . -17.65 18.92 -33.60
C7 NAG C . -11.61 19.17 -34.02
C8 NAG C . -10.29 19.34 -33.35
N2 NAG C . -12.61 19.85 -33.51
O3 NAG C . -14.24 22.11 -34.64
O4 NAG C . -16.79 22.12 -33.59
O5 NAG C . -15.52 19.08 -32.51
O6 NAG C . -18.79 19.66 -33.95
O7 NAG C . -11.73 18.42 -34.99
C1 NAG D . 11.34 9.35 -6.53
C2 NAG D . 12.72 8.78 -6.23
C3 NAG D . 13.78 9.87 -6.10
C4 NAG D . 13.70 10.88 -7.25
C5 NAG D . 12.29 11.42 -7.41
C6 NAG D . 12.16 12.35 -8.63
C7 NAG D . 12.82 6.73 -5.00
C8 NAG D . 12.76 6.02 -3.68
N2 NAG D . 12.62 8.04 -4.99
O3 NAG D . 15.04 9.24 -6.12
O4 NAG D . 14.56 11.97 -6.98
O5 NAG D . 11.39 10.34 -7.57
O6 NAG D . 12.58 11.67 -9.79
O7 NAG D . 13.03 6.11 -6.04
C1 NAG D . 15.60 12.08 -7.97
C2 NAG D . 16.27 13.44 -7.79
C3 NAG D . 17.47 13.64 -8.72
C4 NAG D . 18.36 12.39 -8.72
C5 NAG D . 17.49 11.16 -8.98
C6 NAG D . 18.31 9.89 -9.08
C7 NAG D . 14.79 15.25 -7.08
C8 NAG D . 15.51 15.27 -5.76
N2 NAG D . 15.27 14.46 -8.03
O3 NAG D . 18.22 14.75 -8.30
O4 NAG D . 19.36 12.54 -9.71
O5 NAG D . 16.57 11.05 -7.92
O6 NAG D . 18.43 9.33 -7.79
O7 NAG D . 13.79 15.96 -7.25
C1 MAN D . 20.64 12.72 -9.04
C2 MAN D . 21.35 13.96 -9.56
C3 MAN D . 21.90 13.73 -10.97
C4 MAN D . 22.72 12.44 -11.05
C5 MAN D . 22.00 11.26 -10.39
C6 MAN D . 22.90 10.02 -10.25
O2 MAN D . 22.39 14.25 -8.67
O3 MAN D . 22.70 14.83 -11.34
O4 MAN D . 23.00 12.16 -12.41
O5 MAN D . 21.52 11.61 -9.10
O6 MAN D . 24.25 10.36 -10.05
C1 NAG E . -9.30 -22.86 27.36
C2 NAG E . -10.13 -24.00 27.97
C3 NAG E . -9.27 -24.71 29.00
C4 NAG E . -7.92 -25.10 28.40
C5 NAG E . -7.42 -24.22 27.22
C6 NAG E . -6.21 -23.34 27.58
C7 NAG E . -12.56 -23.77 28.02
C8 NAG E . -13.70 -22.94 28.55
N2 NAG E . -11.36 -23.51 28.57
O3 NAG E . -9.94 -25.87 29.45
O4 NAG E . -7.00 -25.14 29.48
O5 NAG E . -8.41 -23.43 26.53
O6 NAG E . -5.04 -23.98 27.13
O7 NAG E . -12.74 -24.60 27.14
C1 NAG E . -6.49 -26.46 29.76
C2 NAG E . -5.64 -26.40 31.01
C3 NAG E . -5.55 -27.70 31.81
C4 NAG E . -5.89 -28.98 31.05
C5 NAG E . -6.70 -28.74 29.79
C6 NAG E . -7.64 -29.91 29.53
C7 NAG E . -3.86 -24.85 31.30
C8 NAG E . -2.49 -24.39 30.89
N2 NAG E . -4.32 -25.92 30.68
O3 NAG E . -6.44 -27.61 32.90
O4 NAG E . -4.70 -29.67 30.74
O5 NAG E . -7.39 -27.52 29.91
O6 NAG E . -8.98 -29.50 29.62
O7 NAG E . -4.49 -24.25 32.17
C1 NAG F . 12.45 -0.13 10.11
C2 NAG F . 13.14 1.23 10.08
C3 NAG F . 14.66 1.11 10.20
C4 NAG F . 15.02 0.24 11.39
C5 NAG F . 14.30 -1.11 11.31
C6 NAG F . 14.62 -1.96 12.55
C7 NAG F . 12.17 3.13 8.95
C8 NAG F . 11.82 3.77 7.64
N2 NAG F . 12.80 1.96 8.89
O3 NAG F . 15.18 2.39 10.41
O4 NAG F . 16.42 0.08 11.43
O5 NAG F . 12.90 -0.89 11.22
O6 NAG F . 14.16 -1.30 13.71
O7 NAG F . 11.85 3.69 10.01
C1 NAG F . 16.96 0.60 12.66
C2 NAG F . 18.36 0.01 12.81
C3 NAG F . 19.39 0.81 13.63
C4 NAG F . 19.00 2.27 13.94
C5 NAG F . 17.48 2.44 14.00
C6 NAG F . 17.00 3.86 14.32
C7 NAG F . 18.38 -2.39 12.48
C8 NAG F . 19.07 -2.15 11.18
N2 NAG F . 18.24 -1.35 13.30
O3 NAG F . 20.59 0.82 12.91
O4 NAG F . 19.62 2.68 15.15
O5 NAG F . 16.96 2.01 12.76
O6 NAG F . 17.31 4.76 13.28
O7 NAG F . 18.00 -3.53 12.76
C1 ACD G . -16.40 11.22 5.05
C2 ACD G . -17.80 11.51 4.54
C3 ACD G . -17.72 12.40 3.29
C4 ACD G . -19.11 12.79 2.77
C5 ACD G . -19.91 13.52 3.84
C6 ACD G . -19.81 14.84 4.06
C7 ACD G . -18.89 15.74 3.30
C8 ACD G . -19.36 17.17 3.38
C9 ACD G . -18.62 18.18 3.87
C10 ACD G . -17.21 18.05 4.41
C11 ACD G . -16.32 17.36 3.40
C12 ACD G . -15.50 18.03 2.61
C13 ACD G . -15.37 19.55 2.66
C14 ACD G . -14.04 19.99 2.10
C15 ACD G . -12.85 19.42 2.36
C16 ACD G . -12.61 18.19 3.21
C17 ACD G . -12.81 18.46 4.71
C18 ACD G . -12.49 17.25 5.58
C19 ACD G . -11.10 16.68 5.26
C20 ACD G . -10.49 15.91 6.41
O1 ACD G . -15.47 11.98 4.71
O2 ACD G . -16.25 10.23 5.80
CO COH H . -1.14 27.54 6.11
CHA COH H . 0.96 26.13 3.78
CHB COH H . 1.21 30.10 6.58
CHC COH H . -2.88 28.73 8.88
CHD COH H . -3.57 25.27 5.46
NA COH H . 0.74 28.04 5.33
C1A COH H . 1.41 27.29 4.38
C2A COH H . 2.68 27.95 4.12
C3A COH H . 2.76 29.04 4.89
C4A COH H . 1.53 29.12 5.67
CMA COH H . 3.92 30.06 4.96
CAA COH H . 3.74 27.44 3.14
CBA COH H . 4.18 26.03 3.55
CGA COH H . 5.67 25.93 3.56
O1A COH H . 6.24 25.46 4.59
O2A COH H . 6.29 26.31 2.52
NB COH H . -0.91 29.18 7.48
C1B COH H . 0.20 30.02 7.52
C2B COH H . 0.11 30.81 8.74
C3B COH H . -1.00 30.45 9.39
C4B COH H . -1.68 29.40 8.61
CMB COH H . 1.13 31.88 9.20
CAB COH H . -1.41 31.10 10.74
CBB COH H . -1.92 30.40 11.75
NC COH H . -2.91 27.06 7.05
C1C COH H . -3.49 27.74 8.11
C2C COH H . -4.84 27.20 8.25
C3C COH H . -5.03 26.25 7.31
C4C COH H . -3.80 26.13 6.52
CMC COH H . -5.89 27.64 9.30
CAC COH H . -6.32 25.43 7.12
CBC COH H . -6.30 24.14 6.77
ND COH H . -1.30 25.94 4.76
C1D COH H . -2.38 25.07 4.77
C2D COH H . -2.03 23.92 3.95
C3D COH H . -0.61 24.20 3.44
C4D COH H . -0.24 25.48 4.00
CMD COH H . -2.88 22.66 3.63
CAD COH H . 0.25 23.29 2.53
CBD COH H . 1.21 22.48 3.39
CGD COH H . 2.31 21.87 2.55
O1D COH H . 2.07 21.66 1.33
O2D COH H . 3.42 21.62 3.08
C1 NAG I . 5.26 37.62 22.37
C2 NAG I . 5.54 39.03 21.86
C3 NAG I . 5.48 40.07 22.99
C4 NAG I . 4.28 39.84 23.91
C5 NAG I . 4.27 38.40 24.41
C6 NAG I . 3.07 38.13 25.34
C7 NAG I . 7.05 39.59 20.01
C8 NAG I . 8.48 39.63 19.53
N2 NAG I . 6.84 39.06 21.22
O3 NAG I . 5.39 41.35 22.41
O4 NAG I . 4.32 40.75 24.99
O5 NAG I . 4.17 37.56 23.27
O6 NAG I . 3.09 36.80 25.81
O7 NAG I . 6.15 40.03 19.30
C1 BOG J . -9.93 46.30 -7.34
O1 BOG J . -8.70 45.59 -7.33
C2 BOG J . -11.01 45.45 -8.01
O2 BOG J . -10.67 45.24 -9.38
C3 BOG J . -12.38 46.13 -7.92
O3 BOG J . -13.42 45.30 -8.44
C4 BOG J . -12.69 46.48 -6.47
O4 BOG J . -13.90 47.25 -6.42
C5 BOG J . -11.54 47.23 -5.80
O5 BOG J . -10.32 46.50 -5.97
C6 BOG J . -11.71 47.43 -4.29
O6 BOG J . -12.34 46.31 -3.66
C1' BOG J . -7.51 46.38 -7.36
C2' BOG J . -7.11 46.76 -5.94
C3' BOG J . -5.76 46.18 -5.57
C4' BOG J . -5.54 46.38 -4.08
C5' BOG J . -6.37 45.39 -3.26
C6' BOG J . -6.09 45.58 -1.78
C7' BOG J . -7.00 44.72 -0.92
C8' BOG J . -6.29 44.39 0.37
C1 EDO K . -0.54 26.08 -15.96
O1 EDO K . -0.22 24.91 -16.71
C2 EDO K . -2.00 25.99 -15.52
O2 EDO K . -2.12 25.30 -14.27
C1 EDO L . -9.58 12.04 24.30
O1 EDO L . -9.54 12.46 25.67
C2 EDO L . -11.01 11.75 23.85
O2 EDO L . -11.56 10.73 24.67
CA AKR M . -18.65 35.94 -18.50
CB AKR M . -18.89 34.71 -19.12
C AKR M . -19.34 36.41 -17.39
O AKR M . -20.25 35.73 -16.89
OXT AKR M . -19.00 37.52 -16.95
CA AKR N . 14.76 15.01 12.82
CB AKR N . 14.46 14.12 11.80
C AKR N . 15.47 14.65 13.97
O AKR N . 15.89 13.48 14.12
OXT AKR N . 15.68 15.55 14.79
C1 ACD O . -2.86 -18.80 -7.69
C2 ACD O . -4.07 -19.50 -7.12
C3 ACD O . -4.08 -20.94 -7.62
C4 ACD O . -3.37 -21.84 -6.62
C5 ACD O . -3.96 -23.21 -6.64
C6 ACD O . -3.20 -24.29 -6.86
C7 ACD O . -1.72 -24.17 -7.10
C8 ACD O . -1.03 -25.50 -6.86
C9 ACD O . 0.28 -25.61 -6.69
C10 ACD O . 1.21 -24.40 -6.68
C11 ACD O . 0.77 -23.53 -5.54
C12 ACD O . 1.44 -23.45 -4.39
C13 ACD O . 2.74 -24.20 -4.15
C14 ACD O . 3.80 -23.20 -3.77
C15 ACD O . 4.04 -22.05 -4.39
C16 ACD O . 3.23 -21.57 -5.59
C17 ACD O . 4.09 -20.93 -6.67
C18 ACD O . 4.39 -19.49 -6.30
C19 ACD O . 4.19 -18.54 -7.46
C20 ACD O . 4.22 -17.11 -6.96
O1 ACD O . -3.02 -18.06 -8.69
O2 ACD O . -1.75 -18.98 -7.14
CO COH P . 18.82 -20.73 -3.31
CHA COH P . 18.84 -18.65 -0.59
CHB COH P . 22.29 -21.09 -3.01
CHC COH P . 18.95 -22.47 -6.28
CHD COH P . 15.41 -20.55 -3.56
NA COH P . 20.31 -20.01 -2.02
C1A COH P . 20.07 -19.14 -0.97
C2A COH P . 21.35 -18.81 -0.35
C3A COH P . 22.31 -19.48 -1.01
C4A COH P . 21.68 -20.25 -2.08
CMA COH P . 23.83 -19.44 -0.69
CAA COH P . 21.52 -17.88 0.89
CBA COH P . 21.19 -18.78 2.09
CGA COH P . 21.35 -18.18 3.47
O1A COH P . 22.42 -18.40 4.11
O2A COH P . 20.38 -17.52 3.96
NB COH P . 20.36 -21.69 -4.40
C1B COH P . 21.72 -21.56 -4.19
C2B COH P . 22.40 -22.00 -5.41
C3B COH P . 21.47 -22.37 -6.30
C4B COH P . 20.17 -22.19 -5.69
CMB COH P . 23.94 -22.02 -5.60
CAB COH P . 21.65 -22.90 -7.75
CBB COH P . 22.80 -23.44 -8.20
NC COH P . 17.42 -21.36 -4.69
C1C COH P . 17.70 -22.14 -5.80
C2C COH P . 16.43 -22.55 -6.38
C3C COH P . 15.44 -22.02 -5.65
C4C COH P . 16.05 -21.26 -4.56
CMC COH P . 16.26 -23.43 -7.64
CAC COH P . 13.93 -22.21 -5.92
CBC COH P . 13.04 -21.31 -5.56
ND COH P . 17.32 -19.78 -2.19
C1D COH P . 15.99 -19.75 -2.58
C2D COH P . 15.32 -18.73 -1.80
C3D COH P . 16.39 -18.14 -0.88
C4D COH P . 17.61 -18.86 -1.19
CMD COH P . 13.84 -18.29 -1.87
CAD COH P . 16.22 -17.01 0.15
CBD COH P . 16.51 -15.73 -0.63
CGD COH P . 16.57 -14.56 0.29
O1D COH P . 15.81 -14.56 1.29
O2D COH P . 17.36 -13.61 0.02
C1 NAG Q . 34.31 -22.39 -16.25
C2 NAG Q . 35.24 -23.43 -15.58
C3 NAG Q . 36.13 -24.14 -16.60
C4 NAG Q . 35.28 -24.69 -17.76
C5 NAG Q . 34.50 -23.54 -18.39
C6 NAG Q . 33.62 -24.03 -19.54
C7 NAG Q . 36.12 -23.35 -13.30
C8 NAG Q . 36.44 -22.40 -12.19
N2 NAG Q . 36.04 -22.81 -14.53
O3 NAG Q . 36.78 -25.21 -15.95
O4 NAG Q . 36.09 -25.34 -18.73
O5 NAG Q . 33.68 -22.94 -17.40
O6 NAG Q . 33.33 -22.94 -20.38
O7 NAG Q . 35.95 -24.55 -13.06
C1 EDO R . 18.49 -3.66 -29.04
O1 EDO R . 17.24 -3.96 -29.66
C2 EDO R . 19.20 -4.97 -28.68
O2 EDO R . 18.79 -5.45 -27.39
C1 EDO S . 12.33 -21.03 18.18
O1 EDO S . 11.06 -20.41 18.43
C2 EDO S . 12.08 -22.16 17.17
O2 EDO S . 11.40 -21.65 16.01
C1 EDO T . 23.26 1.65 -6.87
O1 EDO T . 23.56 2.52 -7.98
C2 EDO T . 23.49 0.19 -7.28
O2 EDO T . 24.70 0.08 -8.02
C1 EDO U . 9.56 2.37 -0.20
O1 EDO U . 9.67 3.72 0.26
C2 EDO U . 8.46 2.29 -1.26
O2 EDO U . 8.32 0.92 -1.72
C1 EDO V . 26.15 -27.65 7.38
O1 EDO V . 27.19 -27.27 6.48
C2 EDO V . 26.77 -28.49 8.50
O2 EDO V . 25.78 -29.29 9.16
C1 EDO W . 24.69 -18.49 -5.96
O1 EDO W . 25.94 -17.91 -5.60
C2 EDO W . 23.66 -18.19 -4.88
O2 EDO W . 22.62 -17.42 -5.47
#